data_7D5L
#
_entry.id   7D5L
#
_cell.length_a   46.526
_cell.length_b   61.635
_cell.length_c   76.374
_cell.angle_alpha   90.420
_cell.angle_beta   105.120
_cell.angle_gamma   93.650
#
_symmetry.space_group_name_H-M   'P 1'
#
loop_
_entity.id
_entity.type
_entity.pdbx_description
1 polymer 'NS3/4A Protease'
2 non-polymer 'ZINC ION'
3 non-polymer '[1,1,1-tris(fluoranyl)-2-methyl-propan-2-yl] ~{N}-[(1~{S},4~{R},6~{S},7~{Z},11~{R},13~{R},14~{S},18~{R})-13-ethyl-18-(7-fluoranyl-6-methoxy-isoquinolin-1-yl)oxy-11-methyl-4-[(1-methylcyclopropyl)sulfonylcarbamoyl]-2,15-bis(oxidanylidene)-3,16-diazatricyclo[14.3.0.0^{4,6}]nonadec-7-en-14-yl]carbamate'
4 water water
#
_entity_poly.entity_id   1
_entity_poly.type   'polypeptide(L)'
_entity_poly.pdbx_seq_one_letter_code
;MKKKGSVVIVGRINLSGDTAYAQQTRGEEGCQETSQTGRDKNQVEGEVQIVSTATQTFLATSINGVLWTVYHGAGTRTIA
SPKGPVTQMYTNVDKDLVGWQAPQGSRSLTPCTCGSSDLYLVTRHADVIPVRRRGDSRGSLLSPRPISYLKGSSGGPLLC
PAGHAVGIFRAAVCTRGVAKAVDFIPVESLETTMRSPAIRAPSTSLRPHSSTTTTTTEI
;
_entity_poly.pdbx_strand_id   A,B,D,E
#
loop_
_chem_comp.id
_chem_comp.type
_chem_comp.name
_chem_comp.formula
GXO non-polymer '[1,1,1-tris(fluoranyl)-2-methyl-propan-2-yl] ~{N}-[(1~{S},4~{R},6~{S},7~{Z},11~{R},13~{R},14~{S},18~{R})-13-ethyl-18-(7-fluoranyl-6-methoxy-isoquinolin-1-yl)oxy-11-methyl-4-[(1-methylcyclopropyl)sulfonylcarbamoyl]-2,15-bis(oxidanylidene)-3,16-diazatricyclo[14.3.0.0^{4,6}]nonadec-7-en-14-yl]carbamate' 'C40 H51 F4 N5 O9 S'
ZN non-polymer 'ZINC ION' 'Zn 2'
#
# COMPACT_ATOMS: atom_id res chain seq x y z
N LYS A 4 -10.01 4.27 -33.80
CA LYS A 4 -9.30 3.54 -32.74
C LYS A 4 -7.78 3.71 -32.84
N GLY A 5 -7.20 4.34 -31.81
CA GLY A 5 -5.77 4.60 -31.72
C GLY A 5 -5.05 3.58 -30.83
N SER A 6 -3.76 3.83 -30.56
CA SER A 6 -2.95 2.99 -29.69
C SER A 6 -3.15 3.33 -28.20
N VAL A 7 -2.66 2.42 -27.35
CA VAL A 7 -2.54 2.57 -25.90
C VAL A 7 -1.20 3.32 -25.79
N VAL A 8 -1.12 4.28 -24.86
CA VAL A 8 0.07 5.10 -24.68
C VAL A 8 0.54 4.99 -23.24
N ILE A 9 1.86 4.94 -23.04
CA ILE A 9 2.44 4.98 -21.68
C ILE A 9 2.44 6.48 -21.27
N VAL A 10 1.71 6.83 -20.20
CA VAL A 10 1.58 8.23 -19.74
C VAL A 10 2.29 8.48 -18.42
N GLY A 11 2.86 7.41 -17.85
CA GLY A 11 3.59 7.48 -16.60
C GLY A 11 4.02 6.11 -16.13
N ARG A 12 4.48 6.03 -14.89
CA ARG A 12 4.92 4.76 -14.33
C ARG A 12 4.86 4.76 -12.81
N ILE A 13 4.92 3.56 -12.21
CA ILE A 13 4.96 3.44 -10.75
C ILE A 13 6.36 3.06 -10.35
N ASN A 14 7.02 3.90 -9.57
CA ASN A 14 8.34 3.56 -9.15
C ASN A 14 8.25 2.70 -7.86
N LEU A 15 8.75 1.48 -7.93
CA LEU A 15 8.76 0.50 -6.85
C LEU A 15 10.16 0.27 -6.21
N SER A 16 11.22 1.03 -6.54
CA SER A 16 12.57 0.73 -6.05
C SER A 16 12.88 1.17 -4.59
N GLY A 17 12.18 2.17 -4.08
CA GLY A 17 12.42 2.68 -2.73
C GLY A 17 11.54 2.10 -1.64
N ASP A 18 11.56 2.73 -0.48
CA ASP A 18 10.75 2.32 0.66
C ASP A 18 9.33 2.80 0.50
N THR A 19 9.13 3.75 -0.40
CA THR A 19 7.86 4.39 -0.70
C THR A 19 7.66 4.33 -2.19
N ALA A 20 6.57 3.69 -2.63
CA ALA A 20 6.22 3.72 -4.04
C ALA A 20 5.74 5.14 -4.41
N TYR A 21 5.96 5.57 -5.66
CA TYR A 21 5.48 6.88 -6.13
C TYR A 21 5.10 6.80 -7.60
N ALA A 22 4.09 7.57 -7.97
CA ALA A 22 3.60 7.68 -9.34
C ALA A 22 4.35 8.78 -10.06
N GLN A 23 4.75 8.51 -11.30
CA GLN A 23 5.42 9.52 -12.11
C GLN A 23 4.61 9.78 -13.36
N GLN A 24 4.31 11.05 -13.67
CA GLN A 24 3.62 11.41 -14.92
C GLN A 24 4.71 11.69 -15.96
N THR A 25 4.55 11.14 -17.17
CA THR A 25 5.53 11.36 -18.25
C THR A 25 4.88 12.06 -19.44
N ARG A 26 3.55 12.13 -19.46
CA ARG A 26 2.75 12.73 -20.53
C ARG A 26 1.46 13.29 -19.97
N GLY A 27 1.08 14.47 -20.46
CA GLY A 27 -0.19 15.10 -20.15
C GLY A 27 -1.23 14.68 -21.18
N GLU A 28 -2.50 15.08 -20.98
CA GLU A 28 -3.64 14.78 -21.83
C GLU A 28 -3.43 15.11 -23.33
N GLU A 29 -2.76 16.24 -23.66
CA GLU A 29 -2.53 16.64 -25.06
C GLU A 29 -1.63 15.61 -25.76
N GLY A 30 -0.45 15.37 -25.20
CA GLY A 30 0.49 14.38 -25.69
C GLY A 30 -0.04 12.96 -25.71
N CYS A 31 -0.96 12.60 -24.80
CA CYS A 31 -1.60 11.28 -24.80
C CYS A 31 -2.55 11.14 -26.01
N GLN A 32 -3.41 12.15 -26.26
CA GLN A 32 -4.35 12.26 -27.41
C GLN A 32 -3.57 12.12 -28.73
N GLU A 33 -2.46 12.86 -28.83
CA GLU A 33 -1.57 12.86 -29.99
C GLU A 33 -0.90 11.53 -30.22
N THR A 34 -0.10 11.03 -29.25
CA THR A 34 0.62 9.74 -29.29
C THR A 34 -0.35 8.56 -29.54
N SER A 35 -1.59 8.63 -29.06
CA SER A 35 -2.63 7.61 -29.29
C SER A 35 -2.98 7.49 -30.77
N GLN A 36 -3.03 8.62 -31.47
CA GLN A 36 -3.38 8.70 -32.90
C GLN A 36 -2.27 8.26 -33.83
N THR A 37 -1.01 8.57 -33.52
CA THR A 37 0.15 8.28 -34.37
C THR A 37 0.86 6.94 -34.07
N GLY A 38 0.80 6.52 -32.80
CA GLY A 38 1.43 5.31 -32.30
C GLY A 38 2.93 5.42 -32.23
N ARG A 39 3.49 6.64 -32.27
CA ARG A 39 4.94 6.83 -32.19
C ARG A 39 5.29 7.49 -30.86
N ASP A 40 6.09 6.79 -30.04
CA ASP A 40 6.48 7.26 -28.71
C ASP A 40 7.98 7.07 -28.50
N LYS A 41 8.73 8.17 -28.55
CA LYS A 41 10.19 8.23 -28.41
C LYS A 41 10.68 8.37 -26.96
N ASN A 42 9.74 8.38 -25.98
CA ASN A 42 10.06 8.54 -24.55
C ASN A 42 10.81 7.38 -23.95
N GLN A 43 11.80 7.69 -23.10
CA GLN A 43 12.56 6.69 -22.34
C GLN A 43 11.56 5.93 -21.43
N VAL A 44 11.57 4.59 -21.53
CA VAL A 44 10.70 3.71 -20.74
C VAL A 44 11.50 3.15 -19.61
N GLU A 45 10.95 3.17 -18.39
CA GLU A 45 11.61 2.55 -17.28
C GLU A 45 10.62 1.88 -16.33
N GLY A 46 11.13 0.89 -15.60
CA GLY A 46 10.37 0.16 -14.59
C GLY A 46 9.49 -0.96 -15.08
N GLU A 47 8.72 -1.51 -14.12
CA GLU A 47 7.88 -2.69 -14.26
C GLU A 47 6.42 -2.34 -14.51
N VAL A 48 5.90 -1.32 -13.81
CA VAL A 48 4.51 -0.92 -13.87
C VAL A 48 4.37 0.38 -14.65
N GLN A 49 3.63 0.33 -15.75
CA GLN A 49 3.35 1.52 -16.55
C GLN A 49 1.96 2.04 -16.31
N ILE A 50 1.81 3.38 -16.34
CA ILE A 50 0.48 3.98 -16.30
C ILE A 50 0.16 4.15 -17.78
N VAL A 51 -0.98 3.65 -18.19
CA VAL A 51 -1.35 3.65 -19.60
C VAL A 51 -2.70 4.25 -19.86
N SER A 52 -2.85 4.78 -21.06
CA SER A 52 -4.10 5.40 -21.46
C SER A 52 -4.39 5.25 -22.94
N THR A 53 -5.70 5.19 -23.26
CA THR A 53 -6.22 5.22 -24.63
C THR A 53 -6.78 6.68 -24.77
N ALA A 54 -7.47 7.00 -25.87
CA ALA A 54 -8.08 8.33 -26.00
C ALA A 54 -9.13 8.60 -24.86
N THR A 55 -9.80 7.56 -24.32
CA THR A 55 -10.87 7.70 -23.33
C THR A 55 -10.71 7.03 -21.94
N GLN A 56 -9.74 6.12 -21.78
CA GLN A 56 -9.57 5.40 -20.51
C GLN A 56 -8.12 5.36 -20.07
N THR A 57 -7.90 5.27 -18.74
CA THR A 57 -6.56 5.14 -18.14
C THR A 57 -6.57 3.97 -17.14
N PHE A 58 -5.50 3.18 -17.18
CA PHE A 58 -5.34 1.96 -16.40
C PHE A 58 -3.84 1.63 -16.28
N LEU A 59 -3.50 0.41 -15.81
CA LEU A 59 -2.09 0.01 -15.64
C LEU A 59 -1.69 -1.09 -16.62
N ALA A 60 -0.38 -1.32 -16.80
CA ALA A 60 0.17 -2.40 -17.62
C ALA A 60 1.40 -2.90 -16.86
N THR A 61 1.62 -4.22 -16.81
CA THR A 61 2.74 -4.76 -16.03
C THR A 61 3.67 -5.64 -16.84
N SER A 62 4.99 -5.38 -16.75
CA SER A 62 5.97 -6.21 -17.46
C SER A 62 6.37 -7.42 -16.61
N ILE A 63 6.11 -8.62 -17.16
CA ILE A 63 6.47 -9.92 -16.57
C ILE A 63 6.99 -10.81 -17.75
N ASN A 64 8.22 -11.28 -17.64
CA ASN A 64 8.89 -12.13 -18.62
C ASN A 64 8.93 -11.52 -20.02
N GLY A 65 9.38 -10.27 -20.10
CA GLY A 65 9.51 -9.54 -21.37
C GLY A 65 8.22 -9.25 -22.09
N VAL A 66 7.07 -9.30 -21.39
CA VAL A 66 5.76 -9.00 -22.00
C VAL A 66 5.12 -7.96 -21.07
N LEU A 67 4.49 -6.95 -21.67
CA LEU A 67 3.75 -5.93 -20.96
C LEU A 67 2.32 -6.41 -21.00
N TRP A 68 1.77 -6.78 -19.85
CA TRP A 68 0.41 -7.32 -19.75
C TRP A 68 -0.58 -6.30 -19.27
N THR A 69 -1.83 -6.40 -19.73
CA THR A 69 -2.91 -5.52 -19.27
C THR A 69 -4.22 -6.19 -19.54
N VAL A 70 -5.32 -5.53 -19.19
CA VAL A 70 -6.69 -6.02 -19.35
C VAL A 70 -7.25 -5.65 -20.71
N TYR A 71 -8.02 -6.57 -21.27
CA TYR A 71 -8.74 -6.34 -22.52
C TYR A 71 -9.77 -5.22 -22.32
N HIS A 72 -10.49 -5.21 -21.16
CA HIS A 72 -11.54 -4.18 -20.92
C HIS A 72 -10.98 -2.74 -20.92
N GLY A 73 -9.66 -2.61 -20.88
CA GLY A 73 -8.98 -1.32 -20.97
C GLY A 73 -8.46 -1.09 -22.38
N ALA A 74 -7.55 -1.96 -22.82
CA ALA A 74 -6.81 -1.84 -24.09
C ALA A 74 -7.53 -2.30 -25.38
N GLY A 75 -8.58 -3.13 -25.27
CA GLY A 75 -9.20 -3.71 -26.46
C GLY A 75 -8.18 -4.48 -27.27
N THR A 76 -8.24 -4.38 -28.62
CA THR A 76 -7.30 -5.08 -29.54
C THR A 76 -6.19 -4.13 -30.01
N ARG A 77 -6.15 -2.93 -29.44
CA ARG A 77 -5.22 -1.86 -29.78
C ARG A 77 -3.78 -2.21 -29.74
N THR A 78 -3.05 -1.52 -30.61
CA THR A 78 -1.60 -1.56 -30.66
C THR A 78 -1.08 -0.72 -29.49
N ILE A 79 0.24 -0.73 -29.26
CA ILE A 79 0.87 0.12 -28.26
C ILE A 79 1.84 1.02 -28.98
N ALA A 80 1.80 2.34 -28.67
CA ALA A 80 2.70 3.32 -29.25
C ALA A 80 4.12 2.99 -28.81
N SER A 81 5.10 3.05 -29.72
CA SER A 81 6.48 2.72 -29.39
C SER A 81 7.47 3.58 -30.21
N PRO A 82 8.80 3.55 -29.94
CA PRO A 82 9.75 4.35 -30.76
C PRO A 82 9.71 4.06 -32.27
N LYS A 83 9.41 2.81 -32.66
CA LYS A 83 9.34 2.36 -34.04
C LYS A 83 7.90 2.36 -34.60
N GLY A 84 6.99 3.04 -33.92
CA GLY A 84 5.59 3.11 -34.35
C GLY A 84 4.70 2.12 -33.62
N PRO A 85 3.43 1.94 -34.06
CA PRO A 85 2.51 1.03 -33.33
C PRO A 85 2.93 -0.45 -33.31
N VAL A 86 2.91 -1.07 -32.10
CA VAL A 86 3.26 -2.49 -31.90
C VAL A 86 2.01 -3.32 -31.57
N THR A 87 1.75 -4.33 -32.40
CA THR A 87 0.59 -5.21 -32.25
C THR A 87 0.76 -6.17 -31.07
N GLN A 88 -0.36 -6.62 -30.53
CA GLN A 88 -0.47 -7.54 -29.40
C GLN A 88 0.02 -8.94 -29.76
N MET A 89 0.76 -9.59 -28.82
CA MET A 89 1.22 -10.97 -28.88
C MET A 89 0.21 -11.89 -28.20
N TYR A 90 -0.61 -11.35 -27.27
CA TYR A 90 -1.63 -12.14 -26.58
C TYR A 90 -2.86 -11.31 -26.56
N THR A 91 -4.00 -11.92 -26.86
CA THR A 91 -5.31 -11.28 -26.85
C THR A 91 -6.30 -12.34 -26.44
N ASN A 92 -6.94 -12.15 -25.28
CA ASN A 92 -7.97 -13.10 -24.87
C ASN A 92 -9.12 -12.36 -24.16
N VAL A 93 -10.23 -12.19 -24.85
CA VAL A 93 -11.41 -11.46 -24.32
C VAL A 93 -12.05 -12.20 -23.08
N ASP A 94 -12.15 -13.52 -23.12
CA ASP A 94 -12.73 -14.33 -22.03
C ASP A 94 -11.92 -14.18 -20.75
N LYS A 95 -10.57 -14.21 -20.86
CA LYS A 95 -9.67 -14.01 -19.70
C LYS A 95 -9.53 -12.54 -19.35
N ASP A 96 -9.87 -11.67 -20.30
CA ASP A 96 -9.77 -10.21 -20.22
C ASP A 96 -8.30 -9.81 -20.20
N LEU A 97 -7.49 -10.50 -21.02
CA LEU A 97 -6.08 -10.26 -20.99
C LEU A 97 -5.46 -9.92 -22.33
N VAL A 98 -4.52 -8.96 -22.30
CA VAL A 98 -3.75 -8.66 -23.49
C VAL A 98 -2.31 -8.50 -23.06
N GLY A 99 -1.40 -8.67 -24.03
CA GLY A 99 0.02 -8.46 -23.83
C GLY A 99 0.69 -8.03 -25.13
N TRP A 100 1.73 -7.20 -25.01
CA TRP A 100 2.58 -6.75 -26.13
C TRP A 100 3.98 -7.06 -25.68
N GLN A 101 4.93 -7.18 -26.63
CA GLN A 101 6.35 -7.29 -26.28
C GLN A 101 6.71 -6.10 -25.40
N ALA A 102 7.42 -6.35 -24.27
CA ALA A 102 7.74 -5.26 -23.34
C ALA A 102 8.63 -4.18 -23.98
N PRO A 103 8.34 -2.86 -23.77
CA PRO A 103 9.19 -1.80 -24.34
C PRO A 103 10.65 -1.94 -23.93
N GLN A 104 11.60 -1.61 -24.83
CA GLN A 104 13.04 -1.67 -24.50
C GLN A 104 13.33 -0.66 -23.38
N GLY A 105 14.13 -1.09 -22.40
CA GLY A 105 14.44 -0.26 -21.24
C GLY A 105 13.53 -0.57 -20.05
N SER A 106 12.40 -1.26 -20.30
CA SER A 106 11.49 -1.69 -19.25
C SER A 106 12.19 -2.81 -18.47
N ARG A 107 11.78 -3.00 -17.23
CA ARG A 107 12.32 -4.03 -16.37
C ARG A 107 11.16 -4.97 -16.11
N SER A 108 11.39 -6.25 -16.24
CA SER A 108 10.36 -7.24 -16.01
C SER A 108 10.41 -7.76 -14.59
N LEU A 109 9.21 -8.01 -14.02
CA LEU A 109 9.09 -8.63 -12.70
C LEU A 109 9.32 -10.10 -12.98
N THR A 110 9.79 -10.85 -12.00
CA THR A 110 10.01 -12.29 -12.19
C THR A 110 8.77 -12.96 -11.59
N PRO A 111 8.18 -14.01 -12.21
CA PRO A 111 6.99 -14.62 -11.61
C PRO A 111 7.29 -15.24 -10.24
N CYS A 112 6.34 -15.17 -9.30
CA CYS A 112 6.53 -15.69 -7.96
C CYS A 112 6.63 -17.20 -7.98
N THR A 113 7.64 -17.74 -7.24
CA THR A 113 7.90 -19.17 -6.97
C THR A 113 8.06 -19.32 -5.42
N CYS A 114 7.28 -18.52 -4.65
CA CYS A 114 7.24 -18.45 -3.16
C CYS A 114 6.22 -19.38 -2.65
N GLY A 115 5.04 -19.29 -3.25
CA GLY A 115 3.83 -19.96 -2.82
C GLY A 115 3.13 -19.09 -1.80
N SER A 116 3.64 -17.85 -1.61
CA SER A 116 3.09 -16.88 -0.67
C SER A 116 1.64 -16.53 -0.93
N SER A 117 0.86 -16.38 0.15
CA SER A 117 -0.57 -15.99 0.12
C SER A 117 -0.73 -14.56 0.72
N ASP A 118 0.39 -13.88 1.00
CA ASP A 118 0.40 -12.50 1.48
C ASP A 118 0.77 -11.68 0.24
N LEU A 119 -0.23 -11.06 -0.35
CA LEU A 119 -0.07 -10.33 -1.60
C LEU A 119 -0.20 -8.85 -1.39
N TYR A 120 0.29 -8.07 -2.35
CA TYR A 120 0.29 -6.60 -2.28
C TYR A 120 -0.12 -6.10 -3.64
N LEU A 121 -1.28 -5.46 -3.71
CA LEU A 121 -1.79 -4.89 -4.95
C LEU A 121 -1.24 -3.48 -5.09
N VAL A 122 -0.65 -3.17 -6.25
CA VAL A 122 -0.09 -1.85 -6.53
C VAL A 122 -1.08 -0.98 -7.36
N THR A 123 -1.50 0.15 -6.82
CA THR A 123 -2.47 1.01 -7.53
C THR A 123 -1.80 2.06 -8.37
N ARG A 124 -2.59 2.69 -9.27
CA ARG A 124 -2.17 3.82 -10.10
C ARG A 124 -1.72 5.04 -9.25
N HIS A 125 -2.12 5.10 -7.97
CA HIS A 125 -1.72 6.15 -7.05
C HIS A 125 -0.48 5.76 -6.19
N ALA A 126 0.20 4.65 -6.56
CA ALA A 126 1.40 4.13 -5.89
C ALA A 126 1.10 3.57 -4.46
N ASP A 127 -0.17 3.30 -4.18
CA ASP A 127 -0.59 2.65 -2.96
C ASP A 127 -0.27 1.17 -3.10
N VAL A 128 0.17 0.55 -2.01
CA VAL A 128 0.54 -0.87 -2.04
C VAL A 128 -0.28 -1.53 -0.97
N ILE A 129 -1.36 -2.19 -1.39
CA ILE A 129 -2.25 -2.66 -0.36
C ILE A 129 -2.25 -4.17 -0.20
N PRO A 130 -2.22 -4.59 1.09
CA PRO A 130 -2.23 -6.03 1.41
C PRO A 130 -3.52 -6.73 1.02
N VAL A 131 -3.36 -7.90 0.45
CA VAL A 131 -4.43 -8.76 -0.02
C VAL A 131 -4.08 -10.17 0.44
N ARG A 132 -5.02 -10.87 1.05
CA ARG A 132 -4.84 -12.28 1.50
C ARG A 132 -5.39 -13.16 0.38
N ARG A 133 -4.52 -13.96 -0.25
CA ARG A 133 -4.96 -14.84 -1.35
C ARG A 133 -5.98 -15.82 -0.83
N ARG A 134 -7.16 -15.80 -1.43
CA ARG A 134 -8.32 -16.63 -1.08
C ARG A 134 -8.44 -17.79 -2.08
N GLY A 135 -8.73 -17.51 -3.34
CA GLY A 135 -8.75 -18.54 -4.38
C GLY A 135 -7.54 -18.49 -5.32
N ASP A 136 -7.64 -19.19 -6.46
CA ASP A 136 -6.62 -19.19 -7.52
C ASP A 136 -6.58 -17.77 -8.13
N SER A 137 -7.76 -17.15 -8.27
CA SER A 137 -7.94 -15.84 -8.89
C SER A 137 -8.58 -14.81 -7.95
N ARG A 138 -8.62 -15.12 -6.64
CA ARG A 138 -9.20 -14.22 -5.66
C ARG A 138 -8.33 -13.91 -4.44
N GLY A 139 -8.53 -12.71 -3.90
CA GLY A 139 -7.86 -12.27 -2.69
C GLY A 139 -8.71 -11.28 -1.94
N SER A 140 -8.67 -11.27 -0.60
CA SER A 140 -9.48 -10.27 0.13
C SER A 140 -8.60 -9.14 0.65
N LEU A 141 -9.11 -7.91 0.62
CA LEU A 141 -8.38 -6.78 1.20
C LEU A 141 -8.37 -6.95 2.72
N LEU A 142 -7.20 -6.72 3.34
CA LEU A 142 -7.05 -6.79 4.80
C LEU A 142 -7.79 -5.63 5.41
N SER A 143 -7.85 -4.51 4.67
CA SER A 143 -8.56 -3.30 5.00
C SER A 143 -9.33 -2.81 3.76
N PRO A 144 -10.67 -3.06 3.69
CA PRO A 144 -11.47 -2.63 2.53
C PRO A 144 -11.38 -1.17 2.17
N ARG A 145 -11.54 -0.85 0.87
CA ARG A 145 -11.32 0.49 0.37
C ARG A 145 -12.43 0.98 -0.52
N PRO A 146 -12.72 2.32 -0.60
CA PRO A 146 -13.69 2.79 -1.59
C PRO A 146 -13.24 2.42 -3.01
N ILE A 147 -14.19 2.34 -3.96
CA ILE A 147 -14.00 2.02 -5.37
C ILE A 147 -12.95 2.93 -6.02
N SER A 148 -13.06 4.27 -5.80
CA SER A 148 -12.20 5.32 -6.38
C SER A 148 -10.71 5.14 -6.12
N TYR A 149 -10.40 4.35 -5.07
CA TYR A 149 -9.07 4.01 -4.63
C TYR A 149 -8.48 2.91 -5.54
N LEU A 150 -9.33 1.97 -6.01
CA LEU A 150 -8.89 0.87 -6.88
C LEU A 150 -9.16 1.12 -8.36
N LYS A 151 -10.01 2.10 -8.69
CA LYS A 151 -10.42 2.43 -10.07
C LYS A 151 -9.25 2.95 -10.87
N GLY A 152 -9.04 2.36 -12.05
CA GLY A 152 -7.95 2.74 -12.93
C GLY A 152 -6.69 1.97 -12.64
N SER A 153 -6.79 0.94 -11.78
CA SER A 153 -5.62 0.15 -11.45
C SER A 153 -5.67 -1.23 -12.09
N SER A 154 -6.68 -1.52 -12.94
CA SER A 154 -6.67 -2.82 -13.65
C SER A 154 -5.39 -2.90 -14.53
N GLY A 155 -4.84 -4.11 -14.67
CA GLY A 155 -3.59 -4.37 -15.41
C GLY A 155 -2.37 -4.24 -14.51
N GLY A 156 -2.57 -3.71 -13.31
CA GLY A 156 -1.52 -3.55 -12.32
C GLY A 156 -1.19 -4.87 -11.64
N PRO A 157 -0.07 -4.93 -10.91
CA PRO A 157 0.35 -6.20 -10.32
C PRO A 157 -0.11 -6.51 -8.91
N LEU A 158 -0.13 -7.81 -8.62
CA LEU A 158 -0.28 -8.36 -7.27
C LEU A 158 1.10 -8.95 -7.05
N LEU A 159 1.81 -8.42 -6.06
CA LEU A 159 3.17 -8.81 -5.75
C LEU A 159 3.18 -9.69 -4.53
N CYS A 160 4.24 -10.42 -4.33
CA CYS A 160 4.41 -11.24 -3.11
C CYS A 160 5.32 -10.39 -2.15
N PRO A 161 5.63 -10.84 -0.89
CA PRO A 161 6.51 -10.02 0.00
C PRO A 161 7.89 -9.76 -0.59
N ALA A 162 8.41 -10.70 -1.38
CA ALA A 162 9.69 -10.58 -2.07
C ALA A 162 9.63 -9.72 -3.39
N GLY A 163 8.47 -9.21 -3.79
CA GLY A 163 8.36 -8.36 -4.96
C GLY A 163 8.29 -9.03 -6.33
N HIS A 164 7.94 -10.33 -6.34
CA HIS A 164 7.74 -11.17 -7.54
C HIS A 164 6.29 -10.96 -7.96
N ALA A 165 5.99 -11.21 -9.23
CA ALA A 165 4.61 -11.06 -9.67
C ALA A 165 3.81 -12.29 -9.36
N VAL A 166 2.61 -12.12 -8.79
CA VAL A 166 1.67 -13.23 -8.49
C VAL A 166 0.47 -13.23 -9.47
N GLY A 167 0.07 -12.05 -9.93
CA GLY A 167 -1.06 -11.93 -10.84
C GLY A 167 -1.28 -10.54 -11.38
N ILE A 168 -2.33 -10.36 -12.21
CA ILE A 168 -2.70 -9.06 -12.82
C ILE A 168 -4.10 -8.72 -12.34
N PHE A 169 -4.28 -7.57 -11.69
CA PHE A 169 -5.57 -7.06 -11.22
C PHE A 169 -6.57 -6.92 -12.39
N ARG A 170 -7.71 -7.59 -12.29
CA ARG A 170 -8.76 -7.60 -13.32
C ARG A 170 -10.05 -6.90 -12.87
N ALA A 171 -10.58 -7.27 -11.71
CA ALA A 171 -11.84 -6.72 -11.21
C ALA A 171 -11.92 -6.73 -9.69
N ALA A 172 -12.80 -5.91 -9.10
CA ALA A 172 -12.99 -5.82 -7.64
C ALA A 172 -14.37 -6.33 -7.19
N VAL A 173 -14.39 -7.11 -6.11
CA VAL A 173 -15.60 -7.62 -5.47
C VAL A 173 -16.16 -6.48 -4.59
N CYS A 174 -17.15 -5.72 -5.12
CA CYS A 174 -17.71 -4.52 -4.50
C CYS A 174 -19.09 -4.68 -3.87
N THR A 175 -19.23 -4.13 -2.67
CA THR A 175 -20.49 -4.07 -1.94
C THR A 175 -20.48 -2.71 -1.25
N ARG A 176 -21.63 -1.99 -1.25
CA ARG A 176 -21.78 -0.70 -0.56
C ARG A 176 -20.80 0.41 -1.06
N GLY A 177 -20.41 0.34 -2.34
CA GLY A 177 -19.50 1.31 -2.97
C GLY A 177 -18.07 1.14 -2.50
N VAL A 178 -17.79 -0.03 -1.90
CA VAL A 178 -16.55 -0.44 -1.27
C VAL A 178 -16.03 -1.76 -1.85
N ALA A 179 -14.72 -1.81 -2.17
CA ALA A 179 -14.10 -3.05 -2.65
C ALA A 179 -13.63 -3.86 -1.43
N LYS A 180 -14.12 -5.07 -1.28
CA LYS A 180 -13.76 -5.94 -0.14
C LYS A 180 -12.74 -6.96 -0.58
N ALA A 181 -12.76 -7.31 -1.86
CA ALA A 181 -11.91 -8.34 -2.40
C ALA A 181 -11.58 -8.06 -3.84
N VAL A 182 -10.54 -8.73 -4.38
CA VAL A 182 -10.12 -8.51 -5.76
C VAL A 182 -10.11 -9.80 -6.56
N ASP A 183 -10.36 -9.68 -7.85
CA ASP A 183 -10.29 -10.75 -8.84
C ASP A 183 -9.04 -10.48 -9.70
N PHE A 184 -8.22 -11.49 -9.88
CA PHE A 184 -6.99 -11.29 -10.67
C PHE A 184 -6.63 -12.45 -11.58
N ILE A 185 -5.83 -12.19 -12.62
CA ILE A 185 -5.35 -13.25 -13.52
C ILE A 185 -4.02 -13.75 -12.92
N PRO A 186 -3.87 -15.03 -12.47
CA PRO A 186 -2.59 -15.42 -11.86
C PRO A 186 -1.43 -15.53 -12.84
N VAL A 187 -0.18 -15.30 -12.40
CA VAL A 187 0.98 -15.32 -13.32
C VAL A 187 1.07 -16.57 -14.16
N GLU A 188 0.72 -17.75 -13.61
CA GLU A 188 0.79 -19.06 -14.29
C GLU A 188 -0.19 -19.11 -15.48
N SER A 189 -1.24 -18.31 -15.42
CA SER A 189 -2.27 -18.23 -16.45
C SER A 189 -1.88 -17.14 -17.52
N LEU A 190 -0.63 -16.59 -17.50
CA LEU A 190 -0.31 -15.54 -18.50
C LEU A 190 0.21 -16.11 -19.83
N GLU A 191 1.39 -16.74 -19.79
CA GLU A 191 2.04 -17.32 -20.97
C GLU A 191 1.33 -18.55 -21.52
N THR A 192 0.32 -19.05 -20.78
CA THR A 192 -0.48 -20.21 -21.15
C THR A 192 -1.74 -19.80 -21.93
N THR A 193 -1.91 -18.49 -22.17
CA THR A 193 -3.05 -17.89 -22.86
C THR A 193 -3.05 -18.20 -24.37
N MET A 194 -4.21 -18.62 -24.87
CA MET A 194 -4.47 -18.86 -26.29
C MET A 194 -5.20 -17.61 -26.88
N ARG A 195 -5.19 -17.48 -28.21
CA ARG A 195 -5.93 -16.39 -28.85
C ARG A 195 -7.44 -16.64 -28.68
N SER A 196 -8.19 -15.60 -28.33
CA SER A 196 -9.65 -15.64 -28.25
C SER A 196 -10.23 -15.90 -29.66
N LYS B 4 9.66 -14.36 20.87
CA LYS B 4 9.03 -13.04 20.97
C LYS B 4 7.52 -13.14 20.92
N GLY B 5 6.90 -12.37 21.82
CA GLY B 5 5.44 -12.31 21.95
C GLY B 5 4.82 -11.23 21.10
N SER B 6 3.52 -11.05 21.30
CA SER B 6 2.68 -10.08 20.63
C SER B 6 2.72 -8.74 21.37
N VAL B 7 2.45 -7.65 20.60
CA VAL B 7 2.29 -6.30 21.10
C VAL B 7 0.91 -6.33 21.77
N VAL B 8 0.74 -5.72 22.95
CA VAL B 8 -0.56 -5.75 23.64
C VAL B 8 -1.11 -4.34 23.78
N ILE B 9 -2.43 -4.16 23.57
CA ILE B 9 -3.13 -2.91 23.79
C ILE B 9 -3.33 -2.84 25.33
N VAL B 10 -2.68 -1.87 25.99
CA VAL B 10 -2.76 -1.72 27.45
C VAL B 10 -3.58 -0.50 27.87
N GLY B 11 -4.06 0.25 26.89
CA GLY B 11 -4.87 1.44 27.10
C GLY B 11 -5.29 2.10 25.80
N ARG B 12 -5.84 3.32 25.89
CA ARG B 12 -6.31 4.06 24.70
C ARG B 12 -6.38 5.54 25.00
N ILE B 13 -6.27 6.35 23.93
CA ILE B 13 -6.43 7.79 24.05
C ILE B 13 -7.72 8.12 23.31
N ASN B 14 -8.64 8.71 24.05
CA ASN B 14 -9.95 9.14 23.59
C ASN B 14 -9.86 10.61 23.10
N LEU B 15 -10.09 10.83 21.81
CA LEU B 15 -10.04 12.12 21.13
C LEU B 15 -11.42 12.73 20.75
N SER B 16 -12.53 12.09 21.15
CA SER B 16 -13.89 12.48 20.72
C SER B 16 -14.59 13.62 21.47
N GLY B 17 -14.18 13.92 22.70
CA GLY B 17 -14.80 14.98 23.49
C GLY B 17 -14.06 16.28 23.48
N ASP B 18 -14.42 17.19 24.40
CA ASP B 18 -13.79 18.51 24.54
C ASP B 18 -12.38 18.41 25.10
N THR B 19 -12.13 17.38 25.90
CA THR B 19 -10.84 17.13 26.51
C THR B 19 -10.41 15.70 26.25
N ALA B 20 -9.22 15.54 25.64
CA ALA B 20 -8.62 14.24 25.38
C ALA B 20 -8.25 13.61 26.71
N TYR B 21 -8.33 12.28 26.79
CA TYR B 21 -7.96 11.57 28.01
C TYR B 21 -7.42 10.18 27.69
N ALA B 22 -6.44 9.75 28.47
CA ALA B 22 -5.83 8.43 28.36
C ALA B 22 -6.49 7.53 29.39
N GLN B 23 -6.80 6.30 29.01
CA GLN B 23 -7.39 5.36 29.95
C GLN B 23 -6.68 4.02 29.86
N GLN B 24 -6.36 3.46 31.02
CA GLN B 24 -5.72 2.14 31.11
C GLN B 24 -6.79 1.07 31.03
N THR B 25 -6.48 0.00 30.30
CA THR B 25 -7.37 -1.14 30.15
C THR B 25 -6.73 -2.41 30.72
N ARG B 26 -5.39 -2.42 30.80
CA ARG B 26 -4.55 -3.53 31.26
C ARG B 26 -3.39 -3.06 32.10
N GLY B 27 -3.14 -3.78 33.19
CA GLY B 27 -2.01 -3.52 34.09
C GLY B 27 -0.79 -4.31 33.69
N GLU B 28 0.11 -4.56 34.65
CA GLU B 28 1.32 -5.36 34.40
C GLU B 28 1.00 -6.85 34.29
N GLU B 29 0.22 -7.38 35.25
CA GLU B 29 -0.18 -8.80 35.37
C GLU B 29 -0.98 -9.32 34.15
N GLY B 30 -1.91 -8.52 33.65
CA GLY B 30 -2.76 -8.88 32.51
C GLY B 30 -2.03 -8.98 31.18
N CYS B 31 -1.12 -8.02 30.94
CA CYS B 31 -0.28 -7.83 29.75
C CYS B 31 0.72 -9.01 29.50
N GLN B 32 1.15 -9.71 30.56
CA GLN B 32 2.13 -10.80 30.50
C GLN B 32 1.69 -12.09 29.77
N GLU B 33 0.47 -12.60 30.04
CA GLU B 33 -0.03 -13.82 29.38
C GLU B 33 -0.67 -13.50 28.01
N THR B 34 -1.21 -12.26 27.87
CA THR B 34 -1.82 -11.76 26.63
C THR B 34 -0.75 -11.69 25.53
N SER B 35 0.46 -11.25 25.89
CA SER B 35 1.62 -11.18 25.01
C SER B 35 2.02 -12.54 24.47
N GLN B 36 2.05 -13.58 25.33
CA GLN B 36 2.46 -14.93 24.92
C GLN B 36 1.42 -15.68 24.09
N THR B 37 0.13 -15.58 24.48
CA THR B 37 -0.96 -16.25 23.74
C THR B 37 -1.38 -15.51 22.45
N GLY B 38 -1.36 -14.17 22.50
CA GLY B 38 -1.79 -13.34 21.38
C GLY B 38 -3.31 -13.19 21.37
N ARG B 39 -3.98 -13.67 22.44
CA ARG B 39 -5.43 -13.55 22.57
C ARG B 39 -5.78 -12.46 23.58
N ASP B 40 -6.55 -11.48 23.11
CA ASP B 40 -6.99 -10.34 23.89
C ASP B 40 -8.48 -10.19 23.65
N LYS B 41 -9.28 -10.50 24.67
CA LYS B 41 -10.73 -10.41 24.56
C LYS B 41 -11.27 -9.02 24.86
N ASN B 42 -10.41 -8.09 25.35
CA ASN B 42 -10.82 -6.70 25.71
C ASN B 42 -11.40 -5.96 24.53
N GLN B 43 -12.51 -5.24 24.77
CA GLN B 43 -13.20 -4.40 23.80
C GLN B 43 -12.28 -3.22 23.44
N VAL B 44 -12.04 -3.02 22.14
CA VAL B 44 -11.18 -1.94 21.63
C VAL B 44 -12.05 -0.76 21.23
N GLU B 45 -11.67 0.44 21.68
CA GLU B 45 -12.36 1.69 21.36
C GLU B 45 -11.31 2.78 21.04
N GLY B 46 -11.72 3.80 20.29
CA GLY B 46 -10.89 4.96 19.97
C GLY B 46 -9.93 4.87 18.80
N GLU B 47 -9.24 5.99 18.57
CA GLU B 47 -8.31 6.28 17.47
C GLU B 47 -6.86 5.89 17.76
N VAL B 48 -6.41 6.17 18.97
CA VAL B 48 -5.04 5.94 19.41
C VAL B 48 -5.03 4.87 20.52
N GLN B 49 -4.26 3.82 20.31
CA GLN B 49 -4.09 2.79 21.31
C GLN B 49 -2.76 2.99 22.05
N ILE B 50 -2.76 2.68 23.35
CA ILE B 50 -1.53 2.69 24.14
C ILE B 50 -1.05 1.23 24.10
N VAL B 51 0.13 1.02 23.56
CA VAL B 51 0.55 -0.36 23.38
C VAL B 51 1.86 -0.65 24.05
N SER B 52 2.09 -1.95 24.32
CA SER B 52 3.31 -2.36 24.99
C SER B 52 3.75 -3.74 24.54
N THR B 53 5.04 -3.98 24.70
CA THR B 53 5.71 -5.27 24.52
C THR B 53 6.19 -5.65 25.97
N ALA B 54 7.25 -6.49 26.09
CA ALA B 54 7.75 -6.88 27.40
C ALA B 54 8.65 -5.82 28.02
N THR B 55 9.34 -5.02 27.17
CA THR B 55 10.28 -4.00 27.64
C THR B 55 9.92 -2.53 27.30
N GLN B 56 8.90 -2.28 26.45
CA GLN B 56 8.60 -0.93 25.97
C GLN B 56 7.14 -0.59 25.89
N THR B 57 6.77 0.69 26.17
CA THR B 57 5.42 1.22 26.01
C THR B 57 5.47 2.39 24.97
N PHE B 58 4.46 2.44 24.08
CA PHE B 58 4.39 3.39 22.96
C PHE B 58 2.97 3.49 22.43
N LEU B 59 2.75 4.27 21.33
CA LEU B 59 1.40 4.43 20.80
C LEU B 59 1.22 3.77 19.45
N ALA B 60 -0.04 3.66 19.01
CA ALA B 60 -0.42 3.14 17.70
C ALA B 60 -1.70 3.83 17.30
N THR B 61 -1.77 4.27 16.01
CA THR B 61 -2.85 5.10 15.50
C THR B 61 -3.59 4.44 14.34
N SER B 62 -4.93 4.38 14.45
CA SER B 62 -5.72 3.81 13.37
C SER B 62 -6.02 4.93 12.36
N ILE B 63 -5.61 4.71 11.12
CA ILE B 63 -5.83 5.59 9.95
C ILE B 63 -6.25 4.71 8.76
N ASN B 64 -7.44 4.99 8.16
CA ASN B 64 -7.93 4.23 6.99
C ASN B 64 -7.96 2.72 7.23
N GLY B 65 -8.48 2.29 8.37
CA GLY B 65 -8.57 0.86 8.71
C GLY B 65 -7.26 0.17 9.06
N VAL B 66 -6.16 0.95 9.21
CA VAL B 66 -4.83 0.40 9.54
C VAL B 66 -4.32 1.04 10.83
N LEU B 67 -3.89 0.21 11.79
CA LEU B 67 -3.31 0.63 13.08
C LEU B 67 -1.81 0.73 12.86
N TRP B 68 -1.28 1.97 12.72
CA TRP B 68 0.17 2.19 12.45
C TRP B 68 0.98 2.42 13.72
N THR B 69 2.27 2.10 13.72
CA THR B 69 3.16 2.38 14.86
C THR B 69 4.59 2.40 14.36
N VAL B 70 5.56 2.57 15.27
CA VAL B 70 6.99 2.56 14.91
C VAL B 70 7.63 1.15 15.01
N TYR B 71 8.56 0.85 14.09
CA TYR B 71 9.32 -0.40 14.11
C TYR B 71 10.22 -0.45 15.40
N HIS B 72 10.77 0.71 15.85
CA HIS B 72 11.65 0.71 17.06
C HIS B 72 10.87 0.36 18.36
N GLY B 73 9.54 0.38 18.28
CA GLY B 73 8.68 -0.04 19.36
C GLY B 73 8.22 -1.47 19.17
N ALA B 74 7.53 -1.75 18.05
CA ALA B 74 6.90 -3.06 17.81
C ALA B 74 7.79 -4.17 17.18
N GLY B 75 8.93 -3.81 16.61
CA GLY B 75 9.76 -4.78 15.89
C GLY B 75 8.93 -5.41 14.76
N THR B 76 9.05 -6.74 14.58
CA THR B 76 8.31 -7.52 13.56
C THR B 76 7.12 -8.27 14.19
N ARG B 77 6.76 -7.88 15.42
CA ARG B 77 5.74 -8.51 16.23
C ARG B 77 4.35 -8.41 15.73
N THR B 78 3.56 -9.42 16.11
CA THR B 78 2.15 -9.53 15.88
C THR B 78 1.48 -8.70 16.97
N ILE B 79 0.18 -8.57 16.91
CA ILE B 79 -0.57 -7.83 17.92
C ILE B 79 -1.68 -8.77 18.35
N ALA B 80 -1.99 -8.76 19.65
CA ALA B 80 -3.02 -9.63 20.20
C ALA B 80 -4.41 -9.09 19.85
N SER B 81 -5.33 -9.99 19.50
CA SER B 81 -6.71 -9.65 19.16
C SER B 81 -7.67 -10.73 19.73
N PRO B 82 -9.03 -10.57 19.69
CA PRO B 82 -9.92 -11.64 20.17
C PRO B 82 -9.72 -12.97 19.44
N LYS B 83 -9.48 -12.92 18.11
CA LYS B 83 -9.28 -14.08 17.26
C LYS B 83 -7.82 -14.55 17.18
N GLY B 84 -7.01 -14.16 18.17
CA GLY B 84 -5.60 -14.53 18.23
C GLY B 84 -4.62 -13.51 17.67
N PRO B 85 -3.30 -13.86 17.61
CA PRO B 85 -2.30 -12.91 17.10
C PRO B 85 -2.46 -12.53 15.62
N VAL B 86 -2.39 -11.21 15.32
CA VAL B 86 -2.56 -10.59 13.99
C VAL B 86 -1.19 -10.18 13.43
N THR B 87 -0.89 -10.64 12.21
CA THR B 87 0.38 -10.33 11.52
C THR B 87 0.36 -8.91 10.92
N GLN B 88 1.55 -8.36 10.67
CA GLN B 88 1.73 -7.03 10.10
C GLN B 88 1.39 -6.95 8.59
N MET B 89 0.50 -5.98 8.22
CA MET B 89 0.07 -5.62 6.87
C MET B 89 1.28 -4.91 6.24
N TYR B 90 1.93 -3.98 7.01
CA TYR B 90 3.09 -3.22 6.57
C TYR B 90 4.27 -3.39 7.51
N THR B 91 5.49 -3.44 6.95
CA THR B 91 6.72 -3.56 7.71
C THR B 91 7.83 -2.90 6.96
N ASN B 92 8.36 -1.76 7.49
CA ASN B 92 9.54 -1.12 6.88
C ASN B 92 10.48 -0.62 7.96
N VAL B 93 11.66 -1.23 8.07
CA VAL B 93 12.60 -0.84 9.13
C VAL B 93 13.26 0.52 8.79
N ASP B 94 13.54 0.77 7.49
CA ASP B 94 14.20 2.00 7.04
C ASP B 94 13.37 3.26 7.30
N LYS B 95 12.03 3.12 7.24
CA LYS B 95 11.09 4.22 7.50
C LYS B 95 10.70 4.24 8.95
N ASP B 96 11.00 3.12 9.68
CA ASP B 96 10.66 2.90 11.09
C ASP B 96 9.13 2.72 11.24
N LEU B 97 8.50 2.01 10.29
CA LEU B 97 7.06 1.90 10.29
C LEU B 97 6.51 0.48 10.22
N VAL B 98 5.43 0.24 10.97
CA VAL B 98 4.72 -1.03 10.93
C VAL B 98 3.24 -0.71 10.97
N GLY B 99 2.43 -1.61 10.45
CA GLY B 99 0.99 -1.45 10.49
C GLY B 99 0.29 -2.79 10.54
N TRP B 100 -0.80 -2.85 11.29
CA TRP B 100 -1.62 -4.05 11.34
C TRP B 100 -3.03 -3.61 11.00
N GLN B 101 -3.85 -4.57 10.61
CA GLN B 101 -5.28 -4.34 10.37
C GLN B 101 -5.87 -3.78 11.66
N ALA B 102 -6.55 -2.62 11.59
CA ALA B 102 -7.14 -1.97 12.74
C ALA B 102 -8.10 -2.92 13.45
N PRO B 103 -7.98 -3.04 14.80
CA PRO B 103 -8.84 -3.94 15.56
C PRO B 103 -10.32 -3.59 15.47
N GLN B 104 -11.19 -4.63 15.47
CA GLN B 104 -12.65 -4.45 15.44
C GLN B 104 -13.05 -3.63 16.67
N GLY B 105 -13.79 -2.56 16.43
CA GLY B 105 -14.22 -1.61 17.47
C GLY B 105 -13.43 -0.31 17.51
N SER B 106 -12.27 -0.28 16.81
CA SER B 106 -11.44 0.92 16.78
C SER B 106 -12.07 1.99 15.87
N ARG B 107 -11.73 3.26 16.10
CA ARG B 107 -12.22 4.37 15.28
C ARG B 107 -11.03 4.93 14.46
N SER B 108 -11.06 4.72 13.14
CA SER B 108 -10.00 5.20 12.25
C SER B 108 -10.05 6.73 12.02
N LEU B 109 -8.87 7.39 12.08
CA LEU B 109 -8.77 8.81 11.75
C LEU B 109 -8.78 8.90 10.23
N THR B 110 -9.24 10.02 9.70
CA THR B 110 -9.25 10.13 8.25
C THR B 110 -7.99 10.88 7.82
N PRO B 111 -7.34 10.52 6.67
CA PRO B 111 -6.14 11.26 6.25
C PRO B 111 -6.46 12.72 5.89
N CYS B 112 -5.53 13.62 6.19
CA CYS B 112 -5.66 15.06 5.96
C CYS B 112 -5.27 15.42 4.56
N THR B 113 -6.09 16.27 3.94
CA THR B 113 -5.87 16.81 2.60
C THR B 113 -5.85 18.35 2.67
N CYS B 114 -6.02 18.94 3.89
CA CYS B 114 -6.06 20.38 4.23
C CYS B 114 -4.82 21.17 3.86
N GLY B 115 -3.66 20.53 3.89
CA GLY B 115 -2.40 21.22 3.60
C GLY B 115 -2.00 22.25 4.64
N SER B 116 -2.63 22.18 5.82
CA SER B 116 -2.39 23.05 6.96
C SER B 116 -1.00 22.84 7.57
N SER B 117 -0.40 23.93 8.04
CA SER B 117 0.90 23.91 8.70
C SER B 117 0.72 23.96 10.22
N ASP B 118 -0.54 24.04 10.68
CA ASP B 118 -0.90 24.09 12.09
C ASP B 118 -1.23 22.68 12.54
N LEU B 119 -0.26 22.02 13.14
CA LEU B 119 -0.40 20.63 13.53
C LEU B 119 -0.54 20.51 15.02
N TYR B 120 -0.99 19.34 15.48
CA TYR B 120 -1.18 19.06 16.89
C TYR B 120 -0.68 17.66 17.16
N LEU B 121 0.26 17.52 18.06
CA LEU B 121 0.78 16.20 18.39
C LEU B 121 0.00 15.61 19.59
N VAL B 122 -0.38 14.33 19.53
CA VAL B 122 -1.14 13.68 20.61
C VAL B 122 -0.15 12.81 21.41
N THR B 123 0.03 13.09 22.70
CA THR B 123 0.98 12.30 23.50
C THR B 123 0.23 11.15 24.20
N ARG B 124 1.00 10.25 24.83
CA ARG B 124 0.48 9.12 25.63
C ARG B 124 -0.25 9.61 26.89
N HIS B 125 -0.03 10.87 27.31
CA HIS B 125 -0.70 11.47 28.48
C HIS B 125 -1.93 12.28 28.03
N ALA B 126 -2.34 12.10 26.76
CA ALA B 126 -3.46 12.78 26.11
C ALA B 126 -3.27 14.32 25.93
N ASP B 127 -2.03 14.80 25.98
CA ASP B 127 -1.80 16.21 25.66
C ASP B 127 -1.86 16.37 24.15
N VAL B 128 -2.47 17.46 23.66
CA VAL B 128 -2.63 17.73 22.22
C VAL B 128 -2.09 19.13 22.01
N ILE B 129 -0.82 19.16 21.61
CA ILE B 129 0.04 20.33 21.57
C ILE B 129 0.38 20.81 20.16
N PRO B 130 0.38 22.14 19.95
CA PRO B 130 0.67 22.68 18.63
C PRO B 130 2.10 22.44 18.15
N VAL B 131 2.19 22.14 16.85
CA VAL B 131 3.43 21.89 16.11
C VAL B 131 3.32 22.67 14.80
N ARG B 132 4.29 23.51 14.50
CA ARG B 132 4.27 24.20 13.20
C ARG B 132 5.05 23.35 12.17
N ARG B 133 4.39 22.92 11.10
CA ARG B 133 5.04 22.09 10.06
C ARG B 133 6.19 22.86 9.36
N ARG B 134 7.39 22.30 9.34
CA ARG B 134 8.55 22.96 8.74
C ARG B 134 9.12 22.20 7.52
N GLY B 135 8.37 21.26 7.02
CA GLY B 135 8.73 20.40 5.89
C GLY B 135 7.80 19.21 5.77
N ASP B 136 8.23 18.19 5.01
CA ASP B 136 7.44 16.99 4.78
C ASP B 136 7.30 16.14 6.01
N SER B 137 8.37 16.04 6.78
CA SER B 137 8.48 15.17 7.94
C SER B 137 8.94 15.88 9.19
N ARG B 138 8.92 17.22 9.20
CA ARG B 138 9.40 17.97 10.35
C ARG B 138 8.39 19.00 10.83
N GLY B 139 8.48 19.29 12.12
CA GLY B 139 7.60 20.24 12.76
C GLY B 139 8.26 20.84 13.98
N SER B 140 8.13 22.16 14.20
CA SER B 140 8.72 22.73 15.41
C SER B 140 7.63 22.91 16.46
N LEU B 141 7.94 22.53 17.69
CA LEU B 141 7.01 22.67 18.81
C LEU B 141 6.86 24.15 19.10
N LEU B 142 5.64 24.63 19.34
CA LEU B 142 5.43 26.03 19.67
C LEU B 142 6.01 26.33 21.03
N SER B 143 6.01 25.31 21.90
CA SER B 143 6.54 25.38 23.23
C SER B 143 7.48 24.18 23.47
N PRO B 144 8.81 24.45 23.65
CA PRO B 144 9.78 23.35 23.94
C PRO B 144 9.42 22.52 25.16
N ARG B 145 9.71 21.21 25.14
CA ARG B 145 9.30 20.29 26.20
C ARG B 145 10.41 19.42 26.76
N PRO B 146 10.35 19.00 28.05
CA PRO B 146 11.34 18.00 28.52
C PRO B 146 11.11 16.69 27.77
N ILE B 147 12.16 15.85 27.63
CA ILE B 147 12.07 14.56 26.93
C ILE B 147 10.97 13.66 27.51
N SER B 148 10.79 13.65 28.86
CA SER B 148 9.78 12.80 29.55
C SER B 148 8.36 13.09 29.11
N TYR B 149 8.14 14.32 28.60
CA TYR B 149 6.85 14.77 28.13
C TYR B 149 6.46 14.02 26.84
N LEU B 150 7.45 13.74 25.94
CA LEU B 150 7.25 13.06 24.64
C LEU B 150 7.62 11.59 24.59
N LYS B 151 8.41 11.13 25.55
CA LYS B 151 8.86 9.73 25.58
C LYS B 151 7.70 8.77 25.78
N GLY B 152 7.65 7.74 24.95
CA GLY B 152 6.55 6.79 24.97
C GLY B 152 5.42 7.22 24.05
N SER B 153 5.60 8.32 23.31
CA SER B 153 4.52 8.77 22.42
C SER B 153 4.81 8.52 20.91
N SER B 154 5.89 7.84 20.55
CA SER B 154 6.09 7.44 19.14
C SER B 154 4.91 6.51 18.70
N GLY B 155 4.53 6.60 17.41
CA GLY B 155 3.39 5.84 16.89
C GLY B 155 2.10 6.64 17.06
N GLY B 156 2.18 7.75 17.83
CA GLY B 156 1.05 8.63 18.03
C GLY B 156 0.82 9.52 16.81
N PRO B 157 -0.37 10.14 16.67
CA PRO B 157 -0.62 10.99 15.50
C PRO B 157 -0.25 12.47 15.63
N LEU B 158 -0.12 13.08 14.47
CA LEU B 158 -0.05 14.53 14.30
C LEU B 158 -1.33 14.83 13.58
N LEU B 159 -2.14 15.73 14.15
CA LEU B 159 -3.44 16.09 13.59
C LEU B 159 -3.47 17.49 12.98
N CYS B 160 -4.39 17.74 12.03
CA CYS B 160 -4.57 19.11 11.50
C CYS B 160 -5.62 19.81 12.43
N PRO B 161 -5.92 21.15 12.28
CA PRO B 161 -6.93 21.77 13.16
C PRO B 161 -8.32 21.14 13.06
N ALA B 162 -8.62 20.43 11.94
CA ALA B 162 -9.87 19.74 11.70
C ALA B 162 -9.90 18.27 12.17
N GLY B 163 -8.88 17.84 12.92
CA GLY B 163 -8.79 16.50 13.48
C GLY B 163 -8.40 15.37 12.54
N HIS B 164 -7.90 15.71 11.32
CA HIS B 164 -7.50 14.64 10.39
C HIS B 164 -6.06 14.27 10.66
N ALA B 165 -5.67 13.03 10.32
CA ALA B 165 -4.29 12.54 10.49
C ALA B 165 -3.37 13.11 9.44
N VAL B 166 -2.26 13.75 9.87
CA VAL B 166 -1.20 14.34 9.03
C VAL B 166 0.07 13.49 9.03
N GLY B 167 0.35 12.82 10.15
CA GLY B 167 1.51 11.96 10.25
C GLY B 167 1.54 11.13 11.51
N ILE B 168 2.60 10.33 11.63
CA ILE B 168 2.90 9.43 12.76
C ILE B 168 4.20 9.88 13.40
N PHE B 169 4.13 10.19 14.70
CA PHE B 169 5.30 10.61 15.49
C PHE B 169 6.38 9.50 15.50
N ARG B 170 7.60 9.84 15.04
CA ARG B 170 8.73 8.94 14.91
C ARG B 170 9.87 9.25 15.87
N ALA B 171 10.37 10.50 15.85
CA ALA B 171 11.53 10.91 16.66
C ALA B 171 11.43 12.40 17.05
N ALA B 172 12.16 12.83 18.09
CA ALA B 172 12.20 14.22 18.57
C ALA B 172 13.58 14.85 18.40
N VAL B 173 13.62 16.14 18.00
CA VAL B 173 14.85 16.92 17.91
C VAL B 173 15.14 17.50 19.30
N CYS B 174 16.18 16.96 19.95
CA CYS B 174 16.53 17.26 21.35
C CYS B 174 17.87 17.96 21.59
N THR B 175 17.92 18.73 22.71
CA THR B 175 19.05 19.49 23.28
C THR B 175 18.89 19.56 24.79
N ARG B 176 19.90 18.99 25.52
CA ARG B 176 19.99 18.87 26.98
C ARG B 176 18.61 18.56 27.64
N GLY B 177 18.09 17.37 27.34
CA GLY B 177 16.85 16.84 27.88
C GLY B 177 15.58 17.59 27.50
N VAL B 178 15.66 18.47 26.47
CA VAL B 178 14.58 19.33 25.96
C VAL B 178 14.38 19.11 24.45
N ALA B 179 13.13 18.83 24.03
CA ALA B 179 12.69 18.65 22.64
C ALA B 179 12.15 19.99 22.06
N LYS B 180 12.65 20.39 20.88
CA LYS B 180 12.24 21.64 20.22
C LYS B 180 11.48 21.39 18.93
N ALA B 181 11.60 20.17 18.38
CA ALA B 181 10.97 19.81 17.12
C ALA B 181 10.72 18.32 17.08
N VAL B 182 9.89 17.90 16.11
CA VAL B 182 9.54 16.49 16.00
C VAL B 182 9.73 16.06 14.57
N ASP B 183 10.02 14.78 14.43
CA ASP B 183 10.19 14.12 13.16
C ASP B 183 9.04 13.12 13.05
N PHE B 184 8.37 13.13 11.90
CA PHE B 184 7.22 12.22 11.73
C PHE B 184 7.16 11.61 10.35
N ILE B 185 6.42 10.50 10.21
CA ILE B 185 6.15 9.86 8.93
C ILE B 185 4.86 10.50 8.39
N PRO B 186 4.87 11.26 7.26
CA PRO B 186 3.63 11.89 6.79
C PRO B 186 2.60 10.86 6.32
N VAL B 187 1.29 11.16 6.47
CA VAL B 187 0.20 10.23 6.06
C VAL B 187 0.31 9.75 4.62
N GLU B 188 0.87 10.56 3.74
CA GLU B 188 1.01 10.17 2.32
C GLU B 188 2.08 9.11 2.17
N SER B 189 2.92 8.93 3.19
CA SER B 189 4.00 7.93 3.13
C SER B 189 3.53 6.63 3.82
N LEU B 190 2.27 6.52 4.22
CA LEU B 190 1.86 5.31 4.91
C LEU B 190 1.51 4.15 3.97
N GLU B 191 0.42 4.26 3.20
CA GLU B 191 -0.06 3.17 2.35
C GLU B 191 0.75 2.92 1.08
N THR B 192 1.73 3.79 0.82
CA THR B 192 2.68 3.73 -0.29
C THR B 192 3.96 2.99 0.15
N THR B 193 4.00 2.54 1.39
CA THR B 193 5.12 1.80 1.97
C THR B 193 5.33 0.41 1.37
N MET B 194 6.61 0.12 1.01
CA MET B 194 7.08 -1.15 0.47
C MET B 194 7.61 -2.00 1.65
N ARG B 195 7.51 -3.34 1.54
CA ARG B 195 8.07 -4.23 2.56
C ARG B 195 9.61 -4.06 2.58
N SER B 196 10.22 -3.88 3.76
CA SER B 196 11.68 -3.78 3.86
C SER B 196 12.12 -4.26 5.22
N LYS C 4 20.21 -3.80 36.00
CA LYS C 4 21.07 -3.77 34.81
C LYS C 4 22.53 -3.96 35.19
N GLY C 5 23.22 -4.83 34.46
CA GLY C 5 24.62 -5.15 34.67
C GLY C 5 25.56 -4.18 33.97
N SER C 6 26.81 -4.63 33.74
CA SER C 6 27.85 -3.83 33.09
C SER C 6 28.06 -4.10 31.59
N VAL C 7 28.73 -3.16 30.91
CA VAL C 7 29.20 -3.28 29.53
C VAL C 7 30.49 -4.12 29.66
N VAL C 8 30.65 -5.14 28.81
CA VAL C 8 31.82 -6.02 28.86
C VAL C 8 32.62 -5.97 27.57
N ILE C 9 33.96 -5.92 27.66
CA ILE C 9 34.82 -6.04 26.48
C ILE C 9 34.78 -7.55 26.08
N VAL C 10 34.33 -7.85 24.86
CA VAL C 10 34.21 -9.24 24.37
C VAL C 10 35.20 -9.56 23.24
N GLY C 11 35.98 -8.57 22.86
CA GLY C 11 36.95 -8.71 21.79
C GLY C 11 37.49 -7.36 21.38
N ARG C 12 38.28 -7.30 20.32
CA ARG C 12 38.85 -6.01 19.90
C ARG C 12 39.22 -6.01 18.42
N ILE C 13 39.47 -4.82 17.86
CA ILE C 13 39.87 -4.64 16.48
C ILE C 13 41.29 -4.06 16.49
N ASN C 14 42.21 -4.88 16.00
CA ASN C 14 43.63 -4.56 15.87
C ASN C 14 43.85 -3.87 14.52
N LEU C 15 44.28 -2.60 14.56
CA LEU C 15 44.55 -1.74 13.40
C LEU C 15 46.06 -1.41 13.21
N SER C 16 46.94 -2.14 13.93
CA SER C 16 48.40 -1.93 13.95
C SER C 16 49.16 -2.35 12.68
N GLY C 17 48.71 -3.44 12.01
CA GLY C 17 49.38 -3.99 10.84
C GLY C 17 48.89 -3.58 9.47
N ASP C 18 49.28 -4.33 8.43
CA ASP C 18 48.87 -4.02 7.05
C ASP C 18 47.42 -4.37 6.82
N THR C 19 46.89 -5.31 7.60
CA THR C 19 45.50 -5.74 7.52
C THR C 19 44.87 -5.75 8.91
N ALA C 20 43.74 -5.05 9.05
CA ALA C 20 42.94 -4.98 10.26
C ALA C 20 42.32 -6.36 10.52
N TYR C 21 42.17 -6.72 11.80
CA TYR C 21 41.56 -7.99 12.19
C TYR C 21 40.83 -7.91 13.53
N ALA C 22 39.71 -8.61 13.62
CA ALA C 22 38.90 -8.74 14.82
C ALA C 22 39.31 -10.00 15.59
N GLN C 23 39.36 -9.91 16.91
CA GLN C 23 39.66 -11.06 17.75
C GLN C 23 38.63 -11.22 18.85
N GLN C 24 38.05 -12.44 19.00
CA GLN C 24 37.07 -12.68 20.07
C GLN C 24 37.83 -13.03 21.35
N THR C 25 37.47 -12.42 22.48
CA THR C 25 38.14 -12.71 23.74
C THR C 25 37.18 -13.31 24.77
N ARG C 26 35.87 -13.19 24.54
CA ARG C 26 34.84 -13.71 25.46
C ARG C 26 33.64 -14.20 24.66
N GLY C 27 32.96 -15.21 25.21
CA GLY C 27 31.75 -15.79 24.61
C GLY C 27 30.49 -15.39 25.36
N GLU C 28 29.32 -15.83 24.83
CA GLU C 28 27.98 -15.52 25.37
C GLU C 28 27.80 -15.81 26.88
N GLU C 29 28.48 -16.84 27.41
CA GLU C 29 28.40 -17.22 28.83
C GLU C 29 29.27 -16.29 29.67
N GLY C 30 30.55 -16.16 29.31
CA GLY C 30 31.52 -15.31 30.00
C GLY C 30 31.05 -13.87 30.04
N CYS C 31 30.45 -13.38 28.94
CA CYS C 31 29.89 -12.04 28.81
C CYS C 31 28.77 -11.84 29.84
N GLN C 32 27.91 -12.85 30.03
CA GLN C 32 26.79 -12.81 30.98
C GLN C 32 27.32 -12.71 32.43
N GLU C 33 28.33 -13.52 32.78
CA GLU C 33 28.94 -13.55 34.12
C GLU C 33 29.69 -12.25 34.42
N THR C 34 30.41 -11.70 33.42
CA THR C 34 31.16 -10.47 33.58
C THR C 34 30.19 -9.27 33.70
N SER C 35 29.05 -9.32 32.99
CA SER C 35 27.99 -8.30 33.05
C SER C 35 27.44 -8.24 34.49
N GLN C 36 27.28 -9.42 35.12
CA GLN C 36 26.76 -9.60 36.47
C GLN C 36 27.69 -9.10 37.58
N THR C 37 28.98 -9.43 37.49
CA THR C 37 29.97 -9.06 38.51
C THR C 37 30.57 -7.67 38.34
N GLY C 38 30.80 -7.28 37.08
CA GLY C 38 31.44 -6.01 36.72
C GLY C 38 32.95 -6.08 36.87
N ARG C 39 33.47 -7.26 37.23
CA ARG C 39 34.91 -7.50 37.40
C ARG C 39 35.41 -8.27 36.17
N ASP C 40 36.35 -7.66 35.44
CA ASP C 40 36.94 -8.24 34.23
C ASP C 40 38.45 -8.07 34.31
N LYS C 41 39.17 -9.18 34.58
CA LYS C 41 40.63 -9.14 34.71
C LYS C 41 41.35 -9.47 33.43
N ASN C 42 40.61 -9.66 32.30
CA ASN C 42 41.20 -9.93 30.97
C ASN C 42 42.12 -8.79 30.53
N GLN C 43 43.18 -9.11 29.78
CA GLN C 43 44.11 -8.11 29.25
C GLN C 43 43.45 -7.26 28.17
N VAL C 44 43.67 -5.95 28.21
CA VAL C 44 43.14 -5.03 27.19
C VAL C 44 44.28 -4.55 26.30
N GLU C 45 44.02 -4.46 25.00
CA GLU C 45 44.96 -3.90 24.02
C GLU C 45 44.14 -3.25 22.89
N GLY C 46 44.73 -2.27 22.20
CA GLY C 46 44.13 -1.63 21.04
C GLY C 46 43.24 -0.42 21.22
N GLU C 47 42.90 0.19 20.07
CA GLU C 47 42.06 1.40 19.98
C GLU C 47 40.60 1.06 20.09
N VAL C 48 40.12 0.12 19.26
CA VAL C 48 38.72 -0.28 19.17
C VAL C 48 38.41 -1.56 19.96
N GLN C 49 37.45 -1.46 20.86
CA GLN C 49 36.96 -2.58 21.63
C GLN C 49 35.61 -3.11 21.10
N ILE C 50 35.44 -4.44 21.11
CA ILE C 50 34.17 -5.10 20.78
C ILE C 50 33.50 -5.24 22.13
N VAL C 51 32.35 -4.57 22.30
CA VAL C 51 31.68 -4.51 23.60
C VAL C 51 30.33 -5.13 23.50
N SER C 52 29.79 -5.56 24.64
CA SER C 52 28.49 -6.19 24.67
C SER C 52 27.78 -5.98 26.01
N THR C 53 26.46 -5.91 25.95
CA THR C 53 25.60 -5.87 27.13
C THR C 53 24.97 -7.28 27.17
N ALA C 54 23.93 -7.47 27.99
CA ALA C 54 23.23 -8.75 28.08
C ALA C 54 22.51 -9.06 26.77
N THR C 55 22.07 -8.01 26.03
CA THR C 55 21.28 -8.18 24.82
C THR C 55 21.87 -7.66 23.50
N GLN C 56 22.70 -6.61 23.55
CA GLN C 56 23.27 -5.97 22.36
C GLN C 56 24.80 -6.06 22.29
N THR C 57 25.38 -5.89 21.09
CA THR C 57 26.83 -5.89 20.82
C THR C 57 27.15 -4.75 19.82
N PHE C 58 28.22 -4.02 20.10
CA PHE C 58 28.59 -2.80 19.35
C PHE C 58 30.09 -2.53 19.54
N LEU C 59 30.56 -1.31 19.14
CA LEU C 59 31.98 -0.93 19.30
C LEU C 59 32.22 0.24 20.28
N ALA C 60 33.47 0.40 20.71
CA ALA C 60 33.89 1.47 21.64
C ALA C 60 35.31 1.82 21.27
N THR C 61 35.58 3.12 21.15
CA THR C 61 36.83 3.64 20.68
C THR C 61 37.52 4.52 21.72
N SER C 62 38.81 4.24 21.98
CA SER C 62 39.60 5.05 22.90
C SER C 62 40.18 6.22 22.13
N ILE C 63 39.86 7.45 22.57
CA ILE C 63 40.37 8.71 22.02
C ILE C 63 40.68 9.60 23.21
N ASN C 64 41.96 10.02 23.35
CA ASN C 64 42.46 10.89 24.45
C ASN C 64 42.17 10.33 25.83
N GLY C 65 42.49 9.04 26.03
CA GLY C 65 42.30 8.34 27.29
C GLY C 65 40.87 8.10 27.74
N VAL C 66 39.89 8.27 26.82
CA VAL C 66 38.47 7.98 27.12
C VAL C 66 37.97 6.92 26.13
N LEU C 67 37.31 5.89 26.65
CA LEU C 67 36.70 4.87 25.78
C LEU C 67 35.28 5.38 25.45
N TRP C 68 35.08 5.84 24.21
CA TRP C 68 33.83 6.44 23.72
C TRP C 68 32.95 5.45 22.99
N THR C 69 31.63 5.48 23.25
CA THR C 69 30.65 4.64 22.56
C THR C 69 29.28 5.33 22.49
N VAL C 70 28.26 4.62 21.94
CA VAL C 70 26.89 5.13 21.81
C VAL C 70 26.02 4.84 23.03
N TYR C 71 25.18 5.80 23.39
CA TYR C 71 24.21 5.61 24.47
C TYR C 71 23.18 4.53 24.06
N HIS C 72 22.76 4.50 22.76
CA HIS C 72 21.75 3.53 22.27
C HIS C 72 22.22 2.08 22.42
N GLY C 73 23.50 1.93 22.73
CA GLY C 73 24.13 0.66 22.99
C GLY C 73 24.41 0.46 24.46
N ALA C 74 25.22 1.38 25.05
CA ALA C 74 25.66 1.29 26.45
C ALA C 74 24.64 1.68 27.52
N GLY C 75 23.82 2.69 27.24
CA GLY C 75 22.88 3.22 28.23
C GLY C 75 23.65 3.91 29.34
N THR C 76 23.16 3.87 30.58
CA THR C 76 23.86 4.49 31.72
C THR C 76 24.88 3.53 32.37
N ARG C 77 25.00 2.31 31.82
CA ARG C 77 25.85 1.24 32.32
C ARG C 77 27.30 1.57 32.58
N THR C 78 27.80 0.94 33.64
CA THR C 78 29.18 0.95 34.05
C THR C 78 29.92 -0.05 33.12
N ILE C 79 31.24 0.05 33.01
CA ILE C 79 32.00 -0.90 32.21
C ILE C 79 32.77 -1.83 33.17
N ALA C 80 32.79 -3.15 32.87
CA ALA C 80 33.52 -4.13 33.71
C ALA C 80 35.03 -3.89 33.60
N SER C 81 35.73 -3.94 34.73
CA SER C 81 37.17 -3.64 34.76
C SER C 81 37.88 -4.54 35.78
N PRO C 82 39.25 -4.55 35.87
CA PRO C 82 39.89 -5.40 36.89
C PRO C 82 39.64 -4.95 38.32
N LYS C 83 39.18 -3.69 38.54
CA LYS C 83 38.92 -3.17 39.89
C LYS C 83 37.42 -3.05 40.20
N GLY C 84 36.57 -3.70 39.38
CA GLY C 84 35.11 -3.69 39.55
C GLY C 84 34.40 -2.77 38.57
N PRO C 85 33.07 -2.53 38.71
CA PRO C 85 32.36 -1.68 37.74
C PRO C 85 32.81 -0.21 37.69
N VAL C 86 33.14 0.28 36.46
CA VAL C 86 33.57 1.65 36.23
C VAL C 86 32.39 2.52 35.77
N THR C 87 32.08 3.57 36.53
CA THR C 87 31.02 4.52 36.20
C THR C 87 31.41 5.42 35.02
N GLN C 88 30.40 5.87 34.24
CA GLN C 88 30.60 6.76 33.09
C GLN C 88 31.03 8.18 33.51
N MET C 89 31.97 8.77 32.76
CA MET C 89 32.38 10.16 32.94
C MET C 89 31.64 11.11 32.01
N TYR C 90 31.18 10.60 30.84
CA TYR C 90 30.37 11.35 29.87
C TYR C 90 29.10 10.57 29.60
N THR C 91 27.96 11.24 29.75
CA THR C 91 26.64 10.67 29.45
C THR C 91 25.81 11.78 28.81
N ASN C 92 25.51 11.62 27.52
CA ASN C 92 24.67 12.57 26.80
C ASN C 92 23.70 11.84 25.89
N VAL C 93 22.41 11.72 26.34
CA VAL C 93 21.36 11.02 25.59
C VAL C 93 21.13 11.70 24.24
N ASP C 94 21.10 13.05 24.21
CA ASP C 94 20.81 13.84 23.01
C ASP C 94 21.83 13.64 21.93
N LYS C 95 23.11 13.48 22.29
CA LYS C 95 24.19 13.28 21.32
C LYS C 95 24.39 11.80 21.03
N ASP C 96 23.76 10.93 21.86
CA ASP C 96 23.86 9.46 21.81
C ASP C 96 25.32 9.08 22.12
N LEU C 97 25.90 9.72 23.16
CA LEU C 97 27.30 9.54 23.49
C LEU C 97 27.51 9.22 24.96
N VAL C 98 28.37 8.24 25.19
CA VAL C 98 28.84 7.86 26.51
C VAL C 98 30.36 7.71 26.47
N GLY C 99 30.95 7.78 27.65
CA GLY C 99 32.39 7.64 27.80
C GLY C 99 32.75 7.26 29.22
N TRP C 100 33.74 6.38 29.31
CA TRP C 100 34.32 5.89 30.56
C TRP C 100 35.81 6.17 30.46
N GLN C 101 36.49 6.27 31.60
CA GLN C 101 37.95 6.37 31.58
C GLN C 101 38.46 5.11 30.83
N ALA C 102 39.38 5.28 29.85
CA ALA C 102 39.88 4.15 29.07
C ALA C 102 40.48 3.07 29.97
N PRO C 103 40.17 1.75 29.72
CA PRO C 103 40.73 0.70 30.61
C PRO C 103 42.25 0.59 30.44
N GLN C 104 42.97 0.23 31.53
CA GLN C 104 44.43 0.07 31.50
C GLN C 104 44.83 -1.02 30.50
N GLY C 105 45.74 -0.68 29.59
CA GLY C 105 46.20 -1.57 28.53
C GLY C 105 45.79 -1.09 27.14
N SER C 106 44.75 -0.24 27.07
CA SER C 106 44.22 0.31 25.82
C SER C 106 45.15 1.33 25.20
N ARG C 107 45.12 1.41 23.89
CA ARG C 107 45.84 2.40 23.12
C ARG C 107 44.76 3.43 22.72
N SER C 108 45.07 4.72 22.81
CA SER C 108 44.13 5.78 22.43
C SER C 108 44.50 6.35 21.09
N LEU C 109 43.48 6.62 20.23
CA LEU C 109 43.63 7.27 18.92
C LEU C 109 43.92 8.75 19.17
N THR C 110 44.42 9.48 18.18
CA THR C 110 44.63 10.93 18.41
C THR C 110 43.62 11.70 17.56
N PRO C 111 43.10 12.87 17.99
CA PRO C 111 42.13 13.58 17.15
C PRO C 111 42.77 14.07 15.87
N CYS C 112 41.99 14.06 14.82
CA CYS C 112 42.45 14.50 13.51
C CYS C 112 42.48 16.02 13.49
N THR C 113 43.53 16.58 12.86
CA THR C 113 43.69 18.02 12.63
C THR C 113 44.13 18.24 11.17
N CYS C 114 44.05 17.16 10.35
CA CYS C 114 44.43 17.10 8.92
C CYS C 114 43.50 17.90 8.03
N GLY C 115 42.22 17.94 8.39
CA GLY C 115 41.18 18.61 7.61
C GLY C 115 40.67 17.82 6.43
N SER C 116 41.07 16.54 6.32
CA SER C 116 40.71 15.65 5.21
C SER C 116 39.24 15.31 5.10
N SER C 117 38.72 15.29 3.87
CA SER C 117 37.34 14.86 3.63
C SER C 117 37.29 13.36 3.27
N ASP C 118 38.47 12.70 3.16
CA ASP C 118 38.63 11.29 2.83
C ASP C 118 38.66 10.45 4.12
N LEU C 119 37.50 9.91 4.50
CA LEU C 119 37.38 9.18 5.77
C LEU C 119 37.34 7.67 5.59
N TYR C 120 37.53 6.94 6.70
CA TYR C 120 37.48 5.47 6.70
C TYR C 120 36.70 5.04 7.91
N LEU C 121 35.67 4.23 7.72
CA LEU C 121 34.90 3.70 8.84
C LEU C 121 35.39 2.29 9.14
N VAL C 122 35.61 1.98 10.45
CA VAL C 122 36.07 0.68 10.94
C VAL C 122 34.88 -0.12 11.44
N THR C 123 34.65 -1.31 10.85
CA THR C 123 33.52 -2.15 11.26
C THR C 123 33.96 -3.19 12.26
N ARG C 124 32.97 -3.85 12.91
CA ARG C 124 33.19 -4.88 13.93
C ARG C 124 33.83 -6.13 13.35
N HIS C 125 33.82 -6.22 12.01
CA HIS C 125 34.39 -7.29 11.23
C HIS C 125 35.77 -6.87 10.70
N ALA C 126 36.30 -5.70 11.17
CA ALA C 126 37.60 -5.14 10.82
C ALA C 126 37.72 -4.58 9.39
N ASP C 127 36.60 -4.38 8.68
CA ASP C 127 36.68 -3.76 7.36
C ASP C 127 36.90 -2.27 7.61
N VAL C 128 37.70 -1.64 6.79
CA VAL C 128 38.02 -0.23 6.93
C VAL C 128 37.78 0.40 5.57
N ILE C 129 36.58 0.95 5.46
CA ILE C 129 35.97 1.37 4.23
C ILE C 129 35.88 2.87 4.04
N PRO C 130 36.15 3.33 2.80
CA PRO C 130 36.10 4.77 2.52
C PRO C 130 34.72 5.39 2.65
N VAL C 131 34.71 6.65 3.13
CA VAL C 131 33.55 7.50 3.38
C VAL C 131 33.99 8.92 3.03
N ARG C 132 33.29 9.56 2.10
CA ARG C 132 33.57 10.94 1.74
C ARG C 132 32.75 11.85 2.68
N ARG C 133 33.41 12.80 3.37
CA ARG C 133 32.72 13.74 4.27
C ARG C 133 31.81 14.71 3.51
N ARG C 134 30.56 14.92 4.02
CA ARG C 134 29.54 15.82 3.42
C ARG C 134 29.34 17.03 4.31
N GLY C 135 29.20 16.79 5.61
CA GLY C 135 29.05 17.86 6.59
C GLY C 135 29.90 17.60 7.81
N ASP C 136 29.52 18.20 8.93
CA ASP C 136 30.25 17.98 10.18
C ASP C 136 30.01 16.58 10.73
N SER C 137 28.79 16.05 10.55
CA SER C 137 28.35 14.79 11.13
C SER C 137 27.90 13.74 10.10
N ARG C 138 28.18 13.96 8.82
CA ARG C 138 27.75 13.06 7.76
C ARG C 138 28.82 12.74 6.74
N GLY C 139 28.66 11.57 6.14
CA GLY C 139 29.54 11.09 5.10
C GLY C 139 28.87 10.06 4.22
N SER C 140 29.16 10.10 2.92
CA SER C 140 28.61 9.10 2.02
C SER C 140 29.52 7.88 1.82
N LEU C 141 28.94 6.69 1.79
CA LEU C 141 29.67 5.47 1.54
C LEU C 141 30.05 5.40 0.07
N LEU C 142 31.31 5.03 -0.21
CA LEU C 142 31.80 4.95 -1.60
C LEU C 142 31.20 3.70 -2.25
N SER C 143 30.94 2.69 -1.44
CA SER C 143 30.24 1.48 -1.86
C SER C 143 29.05 1.36 -0.89
N PRO C 144 27.78 1.43 -1.39
CA PRO C 144 26.62 1.26 -0.53
C PRO C 144 26.61 -0.16 0.02
N ARG C 145 26.12 -0.35 1.25
CA ARG C 145 26.23 -1.62 1.92
C ARG C 145 24.93 -2.18 2.45
N PRO C 146 24.75 -3.53 2.50
CA PRO C 146 23.56 -4.07 3.16
C PRO C 146 23.65 -3.69 4.63
N ILE C 147 22.50 -3.53 5.33
CA ILE C 147 22.44 -3.13 6.75
C ILE C 147 23.31 -4.04 7.64
N SER C 148 23.30 -5.37 7.38
CA SER C 148 24.04 -6.39 8.13
C SER C 148 25.52 -6.12 8.17
N TYR C 149 26.06 -5.45 7.13
CA TYR C 149 27.48 -5.11 7.03
C TYR C 149 27.88 -4.06 8.09
N LEU C 150 26.94 -3.16 8.46
CA LEU C 150 27.23 -2.07 9.40
C LEU C 150 26.67 -2.26 10.80
N LYS C 151 25.64 -3.08 10.93
CA LYS C 151 24.98 -3.32 12.21
C LYS C 151 25.93 -3.95 13.25
N GLY C 152 26.00 -3.34 14.43
CA GLY C 152 26.87 -3.78 15.50
C GLY C 152 28.21 -3.08 15.47
N SER C 153 28.32 -2.05 14.64
CA SER C 153 29.54 -1.25 14.50
C SER C 153 29.41 0.19 15.06
N SER C 154 28.23 0.62 15.59
CA SER C 154 28.10 1.96 16.21
C SER C 154 29.12 2.01 17.36
N GLY C 155 29.64 3.19 17.66
CA GLY C 155 30.68 3.38 18.67
C GLY C 155 32.06 3.21 18.08
N GLY C 156 32.13 2.76 16.82
CA GLY C 156 33.36 2.55 16.08
C GLY C 156 33.87 3.85 15.49
N PRO C 157 35.15 3.92 15.03
CA PRO C 157 35.65 5.21 14.59
C PRO C 157 35.60 5.49 13.11
N LEU C 158 35.69 6.79 12.81
CA LEU C 158 35.90 7.26 11.45
C LEU C 158 37.32 7.80 11.49
N LEU C 159 38.17 7.34 10.57
CA LEU C 159 39.57 7.74 10.55
C LEU C 159 39.89 8.60 9.34
N CYS C 160 40.92 9.43 9.47
CA CYS C 160 41.41 10.22 8.35
C CYS C 160 42.48 9.32 7.63
N PRO C 161 43.01 9.68 6.43
CA PRO C 161 44.02 8.82 5.77
C PRO C 161 45.29 8.58 6.59
N ALA C 162 45.61 9.51 7.52
CA ALA C 162 46.75 9.42 8.42
C ALA C 162 46.44 8.60 9.70
N GLY C 163 45.23 8.03 9.78
CA GLY C 163 44.85 7.20 10.92
C GLY C 163 44.42 7.93 12.19
N HIS C 164 44.15 9.26 12.10
CA HIS C 164 43.66 9.97 13.28
C HIS C 164 42.13 9.85 13.39
N ALA C 165 41.60 9.99 14.61
CA ALA C 165 40.17 9.96 14.90
C ALA C 165 39.47 11.19 14.31
N VAL C 166 38.42 10.97 13.47
CA VAL C 166 37.59 12.04 12.88
C VAL C 166 36.18 12.10 13.53
N GLY C 167 35.71 10.95 14.04
CA GLY C 167 34.41 10.85 14.69
C GLY C 167 34.04 9.46 15.13
N ILE C 168 32.85 9.33 15.80
CA ILE C 168 32.31 8.06 16.32
C ILE C 168 31.03 7.76 15.53
N PHE C 169 31.03 6.61 14.80
CA PHE C 169 29.88 6.12 14.03
C PHE C 169 28.61 6.01 14.92
N ARG C 170 27.55 6.69 14.52
CA ARG C 170 26.31 6.70 15.31
C ARG C 170 25.11 6.00 14.65
N ALA C 171 24.79 6.40 13.40
CA ALA C 171 23.63 5.93 12.64
C ALA C 171 23.92 5.80 11.15
N ALA C 172 23.16 4.99 10.45
CA ALA C 172 23.29 4.76 9.01
C ALA C 172 22.04 5.29 8.27
N VAL C 173 22.26 6.04 7.15
CA VAL C 173 21.21 6.58 6.27
C VAL C 173 20.86 5.41 5.33
N CYS C 174 19.73 4.74 5.58
CA CYS C 174 19.32 3.53 4.87
C CYS C 174 18.09 3.69 3.98
N THR C 175 18.06 2.92 2.89
CA THR C 175 16.99 2.79 1.90
C THR C 175 16.92 1.33 1.50
N ARG C 176 15.74 0.72 1.66
CA ARG C 176 15.44 -0.68 1.33
C ARG C 176 16.48 -1.73 1.80
N GLY C 177 17.03 -1.52 2.99
CA GLY C 177 17.99 -2.44 3.58
C GLY C 177 19.43 -2.17 3.18
N VAL C 178 19.65 -1.02 2.50
CA VAL C 178 20.96 -0.59 2.03
C VAL C 178 21.33 0.75 2.65
N ALA C 179 22.51 0.82 3.28
CA ALA C 179 23.02 2.09 3.82
C ALA C 179 23.84 2.74 2.71
N LYS C 180 23.62 4.03 2.46
CA LYS C 180 24.29 4.81 1.41
C LYS C 180 25.19 5.88 2.01
N ALA C 181 24.93 6.19 3.29
CA ALA C 181 25.67 7.22 4.01
C ALA C 181 25.67 6.91 5.51
N VAL C 182 26.49 7.62 6.28
CA VAL C 182 26.65 7.42 7.72
C VAL C 182 26.56 8.75 8.46
N ASP C 183 26.13 8.66 9.69
CA ASP C 183 26.00 9.76 10.62
C ASP C 183 26.97 9.43 11.76
N PHE C 184 27.80 10.41 12.12
CA PHE C 184 28.79 10.23 13.18
C PHE C 184 28.90 11.46 14.14
N ILE C 185 29.40 11.23 15.35
CA ILE C 185 29.65 12.29 16.33
C ILE C 185 31.07 12.77 16.04
N PRO C 186 31.29 13.99 15.51
CA PRO C 186 32.68 14.42 15.25
C PRO C 186 33.56 14.47 16.51
N VAL C 187 34.91 14.32 16.33
CA VAL C 187 35.89 14.35 17.43
C VAL C 187 35.83 15.63 18.23
N GLU C 188 35.55 16.77 17.56
CA GLU C 188 35.49 18.07 18.26
C GLU C 188 34.28 18.20 19.18
N SER C 189 33.35 17.26 19.07
CA SER C 189 32.14 17.20 19.89
C SER C 189 32.32 16.18 21.05
N LEU C 190 33.53 15.66 21.28
CA LEU C 190 33.61 14.64 22.34
C LEU C 190 33.87 15.21 23.75
N GLU C 191 35.05 15.79 23.97
CA GLU C 191 35.48 16.34 25.27
C GLU C 191 34.72 17.58 25.68
N THR C 192 34.08 18.26 24.70
CA THR C 192 33.24 19.45 24.91
C THR C 192 31.81 19.06 25.37
N THR C 193 31.53 17.74 25.49
CA THR C 193 30.21 17.21 25.91
C THR C 193 29.85 17.55 27.37
N MET C 194 28.57 17.89 27.60
CA MET C 194 27.95 18.18 28.91
C MET C 194 27.09 16.98 29.28
N ARG C 195 26.77 16.81 30.58
CA ARG C 195 25.91 15.73 31.06
C ARG C 195 24.47 15.97 30.59
N SER C 196 23.82 14.89 30.11
CA SER C 196 22.43 14.84 29.63
C SER C 196 22.02 13.40 29.34
N LYS D 4 -21.33 14.01 -22.77
CA LYS D 4 -22.30 12.90 -22.68
C LYS D 4 -23.71 13.33 -23.06
N GLY D 5 -24.25 12.64 -24.05
CA GLY D 5 -25.61 12.86 -24.54
C GLY D 5 -26.59 11.87 -23.92
N SER D 6 -27.76 11.75 -24.53
CA SER D 6 -28.81 10.84 -24.06
C SER D 6 -28.74 9.43 -24.64
N VAL D 7 -29.19 8.42 -23.85
CA VAL D 7 -29.42 7.03 -24.28
C VAL D 7 -30.65 7.17 -25.21
N VAL D 8 -30.66 6.53 -26.36
CA VAL D 8 -31.73 6.71 -27.33
C VAL D 8 -32.35 5.39 -27.70
N ILE D 9 -33.70 5.30 -27.74
CA ILE D 9 -34.38 4.11 -28.25
C ILE D 9 -34.15 4.10 -29.78
N VAL D 10 -33.51 3.05 -30.29
CA VAL D 10 -33.20 2.92 -31.71
C VAL D 10 -33.96 1.77 -32.36
N GLY D 11 -34.79 1.11 -31.57
CA GLY D 11 -35.63 0.01 -32.04
C GLY D 11 -36.30 -0.72 -30.92
N ARG D 12 -36.92 -1.88 -31.22
CA ARG D 12 -37.57 -2.67 -30.18
C ARG D 12 -37.69 -4.12 -30.60
N ILE D 13 -37.93 -5.02 -29.61
CA ILE D 13 -38.20 -6.42 -29.84
C ILE D 13 -39.70 -6.64 -29.64
N ASN D 14 -40.37 -7.15 -30.67
CA ASN D 14 -41.78 -7.46 -30.59
C ASN D 14 -41.93 -8.92 -30.13
N LEU D 15 -42.62 -9.14 -28.99
CA LEU D 15 -42.84 -10.46 -28.41
C LEU D 15 -44.34 -10.88 -28.44
N SER D 16 -45.15 -10.28 -29.35
CA SER D 16 -46.61 -10.46 -29.39
C SER D 16 -47.10 -11.65 -30.21
N GLY D 17 -46.35 -12.04 -31.24
CA GLY D 17 -46.73 -13.16 -32.11
C GLY D 17 -46.09 -14.47 -31.73
N ASP D 18 -46.18 -15.42 -32.64
CA ASP D 18 -45.57 -16.74 -32.45
C ASP D 18 -44.06 -16.68 -32.72
N THR D 19 -43.59 -15.58 -33.33
CA THR D 19 -42.17 -15.43 -33.64
C THR D 19 -41.73 -14.01 -33.36
N ALA D 20 -40.80 -13.89 -32.43
CA ALA D 20 -40.24 -12.62 -32.04
C ALA D 20 -39.49 -11.99 -33.22
N TYR D 21 -39.53 -10.66 -33.29
CA TYR D 21 -38.83 -9.92 -34.32
C TYR D 21 -38.28 -8.61 -33.74
N ALA D 22 -37.21 -8.13 -34.35
CA ALA D 22 -36.57 -6.89 -33.98
C ALA D 22 -36.91 -5.87 -35.06
N GLN D 23 -37.30 -4.66 -34.66
CA GLN D 23 -37.57 -3.62 -35.63
C GLN D 23 -36.70 -2.41 -35.34
N GLN D 24 -36.04 -1.88 -36.38
CA GLN D 24 -35.20 -0.71 -36.28
C GLN D 24 -36.11 0.48 -36.52
N THR D 25 -35.99 1.49 -35.67
CA THR D 25 -36.81 2.69 -35.77
C THR D 25 -35.97 3.90 -36.10
N ARG D 26 -34.66 3.81 -35.85
CA ARG D 26 -33.69 4.88 -36.09
C ARG D 26 -32.38 4.33 -36.62
N GLY D 27 -31.75 5.09 -37.51
CA GLY D 27 -30.43 4.80 -38.08
C GLY D 27 -29.35 5.55 -37.32
N GLU D 28 -28.07 5.34 -37.68
CA GLU D 28 -26.92 5.98 -37.02
C GLU D 28 -26.99 7.52 -36.96
N GLU D 29 -27.49 8.17 -38.04
CA GLU D 29 -27.65 9.63 -38.13
C GLU D 29 -28.71 10.16 -37.12
N GLY D 30 -29.89 9.54 -37.10
CA GLY D 30 -30.98 9.87 -36.18
C GLY D 30 -30.58 9.68 -34.72
N CYS D 31 -29.96 8.54 -34.37
CA CYS D 31 -29.46 8.24 -33.01
C CYS D 31 -28.48 9.32 -32.55
N GLN D 32 -27.55 9.75 -33.45
CA GLN D 32 -26.57 10.81 -33.19
C GLN D 32 -27.24 12.18 -32.89
N GLU D 33 -28.26 12.54 -33.68
CA GLU D 33 -29.02 13.80 -33.53
C GLU D 33 -29.93 13.78 -32.30
N THR D 34 -30.63 12.64 -32.06
CA THR D 34 -31.55 12.42 -30.93
C THR D 34 -30.78 12.38 -29.60
N SER D 35 -29.52 11.89 -29.64
CA SER D 35 -28.60 11.81 -28.50
C SER D 35 -28.21 13.22 -28.02
N GLN D 36 -27.98 14.15 -28.97
CA GLN D 36 -27.55 15.52 -28.69
C GLN D 36 -28.68 16.36 -28.09
N THR D 37 -29.89 16.36 -28.73
CA THR D 37 -31.06 17.11 -28.27
C THR D 37 -31.68 16.52 -26.99
N GLY D 38 -31.72 15.19 -26.92
CA GLY D 38 -32.39 14.49 -25.83
C GLY D 38 -33.89 14.48 -26.06
N ARG D 39 -34.35 14.90 -27.25
CA ARG D 39 -35.77 14.94 -27.59
C ARG D 39 -36.07 13.87 -28.63
N ASP D 40 -37.04 12.99 -28.32
CA ASP D 40 -37.44 11.87 -29.16
C ASP D 40 -38.97 11.83 -29.26
N LYS D 41 -39.52 12.27 -30.40
CA LYS D 41 -40.95 12.33 -30.66
C LYS D 41 -41.56 10.99 -31.05
N ASN D 42 -40.71 10.00 -31.40
CA ASN D 42 -41.13 8.65 -31.82
C ASN D 42 -42.06 7.94 -30.84
N GLN D 43 -42.96 7.14 -31.41
CA GLN D 43 -43.91 6.30 -30.69
C GLN D 43 -43.14 5.13 -30.04
N VAL D 44 -43.49 4.82 -28.80
CA VAL D 44 -42.91 3.76 -28.01
C VAL D 44 -43.96 2.67 -27.83
N GLU D 45 -43.56 1.43 -28.09
CA GLU D 45 -44.39 0.26 -27.87
C GLU D 45 -43.53 -0.89 -27.37
N GLY D 46 -44.16 -1.83 -26.68
CA GLY D 46 -43.49 -3.03 -26.21
C GLY D 46 -42.74 -2.92 -24.91
N GLU D 47 -42.16 -4.08 -24.52
CA GLU D 47 -41.45 -4.33 -23.27
C GLU D 47 -39.95 -4.15 -23.38
N VAL D 48 -39.36 -4.61 -24.48
CA VAL D 48 -37.92 -4.56 -24.72
C VAL D 48 -37.59 -3.55 -25.82
N GLN D 49 -36.79 -2.54 -25.45
CA GLN D 49 -36.30 -1.55 -26.40
C GLN D 49 -34.85 -1.86 -26.80
N ILE D 50 -34.50 -1.55 -28.05
CA ILE D 50 -33.11 -1.59 -28.51
C ILE D 50 -32.64 -0.14 -28.24
N VAL D 51 -31.63 0.02 -27.38
CA VAL D 51 -31.14 1.33 -26.97
C VAL D 51 -29.69 1.53 -27.38
N SER D 52 -29.29 2.79 -27.53
CA SER D 52 -27.94 3.12 -27.99
C SER D 52 -27.47 4.49 -27.49
N THR D 53 -26.15 4.60 -27.26
CA THR D 53 -25.40 5.81 -26.94
C THR D 53 -24.61 6.13 -28.23
N ALA D 54 -23.68 7.10 -28.20
CA ALA D 54 -22.86 7.45 -29.38
C ALA D 54 -21.96 6.29 -29.79
N THR D 55 -21.56 5.46 -28.79
CA THR D 55 -20.64 4.34 -28.98
C THR D 55 -21.20 2.92 -28.85
N GLN D 56 -22.03 2.65 -27.82
CA GLN D 56 -22.55 1.29 -27.56
C GLN D 56 -24.05 1.11 -27.85
N THR D 57 -24.46 -0.16 -28.06
CA THR D 57 -25.83 -0.61 -28.30
C THR D 57 -26.11 -1.81 -27.39
N PHE D 58 -27.33 -1.84 -26.80
CA PHE D 58 -27.73 -2.84 -25.83
C PHE D 58 -29.25 -2.82 -25.68
N LEU D 59 -29.79 -3.54 -24.67
CA LEU D 59 -31.24 -3.60 -24.47
C LEU D 59 -31.69 -2.90 -23.21
N ALA D 60 -33.01 -2.66 -23.09
CA ALA D 60 -33.67 -2.02 -21.95
C ALA D 60 -35.06 -2.61 -21.86
N THR D 61 -35.45 -3.04 -20.65
CA THR D 61 -36.69 -3.76 -20.42
C THR D 61 -37.57 -3.03 -19.41
N SER D 62 -38.86 -2.83 -19.75
CA SER D 62 -39.85 -2.19 -18.86
C SER D 62 -40.45 -3.23 -17.93
N ILE D 63 -40.31 -3.00 -16.64
CA ILE D 63 -40.88 -3.85 -15.58
C ILE D 63 -41.43 -2.90 -14.52
N ASN D 64 -42.75 -2.99 -14.26
CA ASN D 64 -43.43 -2.15 -13.26
C ASN D 64 -43.27 -0.66 -13.50
N GLY D 65 -43.46 -0.25 -14.76
CA GLY D 65 -43.36 1.17 -15.13
C GLY D 65 -41.99 1.82 -15.06
N VAL D 66 -40.90 1.01 -15.02
CA VAL D 66 -39.51 1.48 -15.04
C VAL D 66 -38.80 0.75 -16.21
N LEU D 67 -38.10 1.51 -17.08
CA LEU D 67 -37.30 0.99 -18.18
C LEU D 67 -35.91 0.75 -17.59
N TRP D 68 -35.58 -0.53 -17.35
CA TRP D 68 -34.32 -0.94 -16.71
C TRP D 68 -33.27 -1.32 -17.74
N THR D 69 -31.99 -1.06 -17.43
CA THR D 69 -30.86 -1.49 -18.24
C THR D 69 -29.60 -1.61 -17.36
N VAL D 70 -28.46 -1.84 -18.00
CA VAL D 70 -27.17 -1.98 -17.31
C VAL D 70 -26.43 -0.68 -17.22
N TYR D 71 -25.78 -0.47 -16.08
CA TYR D 71 -24.95 0.74 -15.90
C TYR D 71 -23.76 0.65 -16.88
N HIS D 72 -23.25 -0.57 -17.18
CA HIS D 72 -22.07 -0.70 -18.09
C HIS D 72 -22.39 -0.28 -19.54
N GLY D 73 -23.66 -0.06 -19.84
CA GLY D 73 -24.10 0.44 -21.14
C GLY D 73 -24.58 1.87 -21.10
N ALA D 74 -25.44 2.19 -20.10
CA ALA D 74 -26.04 3.53 -20.00
C ALA D 74 -25.23 4.55 -19.20
N GLY D 75 -24.47 4.08 -18.22
CA GLY D 75 -23.76 4.94 -17.28
C GLY D 75 -24.78 5.73 -16.46
N THR D 76 -24.53 7.04 -16.20
CA THR D 76 -25.43 7.92 -15.44
C THR D 76 -26.35 8.74 -16.37
N ARG D 77 -26.26 8.50 -17.70
CA ARG D 77 -26.97 9.16 -18.79
C ARG D 77 -28.49 9.24 -18.67
N THR D 78 -29.06 10.31 -19.26
CA THR D 78 -30.49 10.55 -19.36
C THR D 78 -31.01 9.77 -20.58
N ILE D 79 -32.32 9.60 -20.70
CA ILE D 79 -32.86 8.94 -21.88
C ILE D 79 -33.68 9.96 -22.67
N ALA D 80 -33.52 9.98 -24.00
CA ALA D 80 -34.25 10.88 -24.91
C ALA D 80 -35.76 10.57 -24.88
N SER D 81 -36.61 11.60 -24.77
CA SER D 81 -38.06 11.40 -24.68
C SER D 81 -38.86 12.51 -25.40
N PRO D 82 -40.22 12.42 -25.54
CA PRO D 82 -40.96 13.51 -26.20
C PRO D 82 -40.88 14.85 -25.47
N LYS D 83 -40.69 14.84 -24.13
CA LYS D 83 -40.58 16.04 -23.32
C LYS D 83 -39.13 16.41 -22.94
N GLY D 84 -38.16 15.94 -23.73
CA GLY D 84 -36.74 16.19 -23.49
C GLY D 84 -36.07 15.13 -22.61
N PRO D 85 -34.78 15.32 -22.22
CA PRO D 85 -34.09 14.30 -21.38
C PRO D 85 -34.76 13.94 -20.04
N VAL D 86 -34.89 12.61 -19.77
CA VAL D 86 -35.49 12.01 -18.56
C VAL D 86 -34.33 11.43 -17.76
N THR D 87 -34.22 11.81 -16.48
CA THR D 87 -33.11 11.39 -15.62
C THR D 87 -33.37 10.03 -14.98
N GLN D 88 -32.31 9.34 -14.50
CA GLN D 88 -32.47 8.04 -13.84
C GLN D 88 -33.02 8.18 -12.43
N MET D 89 -33.88 7.24 -12.02
CA MET D 89 -34.44 7.14 -10.69
C MET D 89 -33.70 6.06 -9.93
N TYR D 90 -33.07 5.11 -10.67
CA TYR D 90 -32.26 4.01 -10.11
C TYR D 90 -30.87 4.04 -10.72
N THR D 91 -29.83 4.08 -9.89
CA THR D 91 -28.44 4.12 -10.33
C THR D 91 -27.59 3.40 -9.34
N ASN D 92 -27.12 2.19 -9.70
CA ASN D 92 -26.26 1.42 -8.83
C ASN D 92 -25.11 0.79 -9.64
N VAL D 93 -23.87 1.28 -9.41
CA VAL D 93 -22.68 0.78 -10.09
C VAL D 93 -22.37 -0.67 -9.62
N ASP D 94 -22.50 -0.95 -8.32
CA ASP D 94 -22.22 -2.27 -7.71
C ASP D 94 -23.08 -3.39 -8.28
N LYS D 95 -24.36 -3.08 -8.60
CA LYS D 95 -25.32 -4.03 -9.15
C LYS D 95 -25.30 -3.99 -10.66
N ASP D 96 -24.71 -2.92 -11.22
CA ASP D 96 -24.62 -2.67 -12.65
C ASP D 96 -26.05 -2.44 -13.19
N LEU D 97 -26.83 -1.62 -12.46
CA LEU D 97 -28.21 -1.38 -12.79
C LEU D 97 -28.61 0.09 -12.86
N VAL D 98 -29.36 0.44 -13.89
CA VAL D 98 -29.98 1.75 -14.00
C VAL D 98 -31.48 1.58 -14.34
N GLY D 99 -32.26 2.63 -14.09
CA GLY D 99 -33.67 2.65 -14.43
C GLY D 99 -34.21 4.05 -14.56
N TRP D 100 -34.96 4.29 -15.63
CA TRP D 100 -35.67 5.56 -15.87
C TRP D 100 -37.15 5.24 -15.84
N GLN D 101 -37.97 6.25 -15.61
CA GLN D 101 -39.43 6.09 -15.69
C GLN D 101 -39.72 5.59 -17.12
N ALA D 102 -40.47 4.48 -17.25
CA ALA D 102 -40.75 3.88 -18.56
C ALA D 102 -41.43 4.89 -19.50
N PRO D 103 -41.10 4.91 -20.82
CA PRO D 103 -41.73 5.92 -21.69
C PRO D 103 -43.22 5.65 -21.91
N GLN D 104 -44.00 6.71 -22.19
CA GLN D 104 -45.44 6.58 -22.47
C GLN D 104 -45.56 5.75 -23.74
N GLY D 105 -46.39 4.72 -23.70
CA GLY D 105 -46.59 3.79 -24.81
C GLY D 105 -45.95 2.42 -24.55
N SER D 106 -44.95 2.37 -23.65
CA SER D 106 -44.27 1.13 -23.31
C SER D 106 -45.24 0.20 -22.58
N ARG D 107 -44.97 -1.08 -22.63
CA ARG D 107 -45.79 -2.08 -21.97
C ARG D 107 -44.84 -2.76 -20.99
N SER D 108 -45.16 -2.71 -19.71
CA SER D 108 -44.34 -3.30 -18.70
C SER D 108 -44.63 -4.79 -18.50
N LEU D 109 -43.56 -5.57 -18.31
CA LEU D 109 -43.67 -6.99 -17.98
C LEU D 109 -44.04 -7.01 -16.49
N THR D 110 -44.65 -8.08 -16.03
CA THR D 110 -45.00 -8.19 -14.61
C THR D 110 -43.97 -9.11 -13.92
N PRO D 111 -43.54 -8.83 -12.67
CA PRO D 111 -42.56 -9.71 -12.01
C PRO D 111 -43.08 -11.14 -11.85
N CYS D 112 -42.20 -12.14 -12.00
CA CYS D 112 -42.56 -13.55 -11.89
C CYS D 112 -42.75 -13.98 -10.46
N THR D 113 -43.75 -14.83 -10.23
CA THR D 113 -44.03 -15.42 -8.93
C THR D 113 -44.30 -16.94 -9.07
N CYS D 114 -43.87 -17.55 -10.20
CA CYS D 114 -44.00 -18.98 -10.54
C CYS D 114 -43.04 -19.84 -9.75
N GLY D 115 -41.86 -19.30 -9.49
CA GLY D 115 -40.76 -20.03 -8.87
C GLY D 115 -40.16 -21.00 -9.87
N SER D 116 -40.45 -20.79 -11.18
CA SER D 116 -39.99 -21.60 -12.29
C SER D 116 -38.48 -21.53 -12.48
N SER D 117 -37.86 -22.66 -12.73
CA SER D 117 -36.42 -22.69 -12.99
C SER D 117 -36.12 -22.76 -14.49
N ASP D 118 -37.15 -22.72 -15.36
CA ASP D 118 -37.02 -22.75 -16.82
C ASP D 118 -37.17 -21.33 -17.35
N LEU D 119 -36.03 -20.71 -17.70
CA LEU D 119 -36.05 -19.31 -18.14
C LEU D 119 -35.83 -19.17 -19.61
N TYR D 120 -36.07 -17.97 -20.12
CA TYR D 120 -35.90 -17.68 -21.54
C TYR D 120 -35.27 -16.33 -21.65
N LEU D 121 -34.08 -16.27 -22.26
CA LEU D 121 -33.40 -15.00 -22.43
C LEU D 121 -33.78 -14.37 -23.79
N VAL D 122 -34.08 -13.06 -23.83
CA VAL D 122 -34.43 -12.41 -25.12
C VAL D 122 -33.24 -11.58 -25.63
N THR D 123 -32.76 -11.87 -26.84
CA THR D 123 -31.62 -11.18 -27.43
C THR D 123 -32.07 -10.05 -28.33
N ARG D 124 -31.13 -9.15 -28.67
CA ARG D 124 -31.36 -8.00 -29.55
C ARG D 124 -31.72 -8.42 -30.98
N HIS D 125 -31.48 -9.71 -31.31
CA HIS D 125 -31.77 -10.28 -32.63
C HIS D 125 -33.12 -11.02 -32.58
N ALA D 126 -33.84 -10.87 -31.42
CA ALA D 126 -35.15 -11.44 -31.12
C ALA D 126 -35.15 -12.96 -30.90
N ASP D 127 -33.98 -13.54 -30.56
CA ASP D 127 -33.89 -14.96 -30.23
C ASP D 127 -34.38 -15.12 -28.81
N VAL D 128 -35.14 -16.18 -28.54
CA VAL D 128 -35.76 -16.45 -27.23
C VAL D 128 -35.22 -17.81 -26.85
N ILE D 129 -34.11 -17.80 -26.09
CA ILE D 129 -33.34 -19.01 -25.83
C ILE D 129 -33.45 -19.54 -24.41
N PRO D 130 -33.63 -20.88 -24.28
CA PRO D 130 -33.75 -21.49 -22.94
C PRO D 130 -32.51 -21.40 -22.07
N VAL D 131 -32.75 -21.14 -20.78
CA VAL D 131 -31.77 -20.99 -19.71
C VAL D 131 -32.31 -21.70 -18.47
N ARG D 132 -31.54 -22.66 -17.93
CA ARG D 132 -31.92 -23.37 -16.71
C ARG D 132 -31.41 -22.55 -15.51
N ARG D 133 -32.31 -22.12 -14.61
CA ARG D 133 -31.91 -21.36 -13.43
C ARG D 133 -31.15 -22.25 -12.49
N ARG D 134 -29.98 -21.77 -12.00
CA ARG D 134 -29.10 -22.53 -11.08
C ARG D 134 -29.03 -21.90 -9.70
N GLY D 135 -29.14 -20.59 -9.65
CA GLY D 135 -29.10 -19.82 -8.41
C GLY D 135 -29.91 -18.55 -8.52
N ASP D 136 -29.75 -17.67 -7.53
CA ASP D 136 -30.45 -16.39 -7.50
C ASP D 136 -30.17 -15.54 -8.73
N SER D 137 -28.91 -15.52 -9.18
CA SER D 137 -28.44 -14.64 -10.22
C SER D 137 -27.77 -15.35 -11.39
N ARG D 138 -27.93 -16.68 -11.48
CA ARG D 138 -27.31 -17.46 -12.54
C ARG D 138 -28.23 -18.46 -13.24
N GLY D 139 -27.88 -18.71 -14.50
CA GLY D 139 -28.58 -19.69 -15.32
C GLY D 139 -27.64 -20.32 -16.33
N SER D 140 -27.82 -21.60 -16.65
CA SER D 140 -26.98 -22.20 -17.69
C SER D 140 -27.74 -22.27 -19.00
N LEU D 141 -27.01 -22.12 -20.13
CA LEU D 141 -27.60 -22.22 -21.45
C LEU D 141 -27.85 -23.70 -21.78
N LEU D 142 -28.98 -24.02 -22.43
CA LEU D 142 -29.27 -25.41 -22.83
C LEU D 142 -28.43 -25.74 -24.04
N SER D 143 -28.24 -24.75 -24.89
CA SER D 143 -27.36 -24.86 -26.01
C SER D 143 -26.36 -23.69 -25.93
N PRO D 144 -25.08 -23.97 -25.59
CA PRO D 144 -24.03 -22.93 -25.56
C PRO D 144 -23.88 -22.14 -26.87
N ARG D 145 -23.42 -20.88 -26.77
CA ARG D 145 -23.39 -19.96 -27.88
C ARG D 145 -22.13 -19.18 -28.16
N PRO D 146 -21.86 -18.82 -29.45
CA PRO D 146 -20.76 -17.88 -29.71
C PRO D 146 -21.10 -16.55 -29.04
N ILE D 147 -20.10 -15.81 -28.56
CA ILE D 147 -20.24 -14.53 -27.87
C ILE D 147 -21.13 -13.55 -28.67
N SER D 148 -20.91 -13.47 -30.01
CA SER D 148 -21.64 -12.62 -30.98
C SER D 148 -23.19 -12.73 -30.87
N TYR D 149 -23.67 -13.89 -30.47
CA TYR D 149 -25.09 -14.18 -30.31
C TYR D 149 -25.67 -13.41 -29.13
N LEU D 150 -24.88 -13.19 -28.08
CA LEU D 150 -25.33 -12.54 -26.86
C LEU D 150 -24.92 -11.08 -26.69
N LYS D 151 -23.83 -10.64 -27.36
CA LYS D 151 -23.31 -9.29 -27.26
C LYS D 151 -24.34 -8.28 -27.70
N GLY D 152 -24.49 -7.22 -26.92
CA GLY D 152 -25.48 -6.19 -27.21
C GLY D 152 -26.87 -6.54 -26.68
N SER D 153 -26.95 -7.57 -25.79
CA SER D 153 -28.24 -7.98 -25.19
C SER D 153 -28.31 -7.75 -23.69
N SER D 154 -27.23 -7.20 -23.06
CA SER D 154 -27.34 -6.82 -21.65
C SER D 154 -28.54 -5.85 -21.51
N GLY D 155 -29.22 -5.88 -20.37
CA GLY D 155 -30.42 -5.05 -20.19
C GLY D 155 -31.69 -5.78 -20.64
N GLY D 156 -31.52 -6.83 -21.42
CA GLY D 156 -32.60 -7.66 -21.90
C GLY D 156 -33.24 -8.50 -20.81
N PRO D 157 -34.45 -9.04 -21.03
CA PRO D 157 -35.08 -9.83 -19.97
C PRO D 157 -34.81 -11.34 -19.96
N LEU D 158 -34.96 -11.93 -18.78
CA LEU D 158 -35.08 -13.36 -18.60
C LEU D 158 -36.58 -13.51 -18.24
N LEU D 159 -37.30 -14.33 -19.00
CA LEU D 159 -38.73 -14.54 -18.83
C LEU D 159 -38.94 -15.96 -18.31
N CYS D 160 -40.06 -16.20 -17.60
CA CYS D 160 -40.43 -17.53 -17.14
C CYS D 160 -41.28 -18.14 -18.30
N PRO D 161 -41.75 -19.42 -18.26
CA PRO D 161 -42.55 -19.96 -19.38
C PRO D 161 -43.84 -19.17 -19.64
N ALA D 162 -44.36 -18.48 -18.60
CA ALA D 162 -45.59 -17.68 -18.65
C ALA D 162 -45.41 -16.22 -19.14
N GLY D 163 -44.17 -15.82 -19.45
CA GLY D 163 -43.89 -14.49 -19.98
C GLY D 163 -43.68 -13.40 -18.93
N HIS D 164 -43.52 -13.80 -17.66
CA HIS D 164 -43.27 -12.85 -16.58
C HIS D 164 -41.76 -12.58 -16.44
N ALA D 165 -41.38 -11.37 -15.95
CA ALA D 165 -39.98 -10.98 -15.78
C ALA D 165 -39.34 -11.69 -14.60
N VAL D 166 -38.16 -12.28 -14.84
CA VAL D 166 -37.40 -13.00 -13.82
C VAL D 166 -36.10 -12.28 -13.47
N GLY D 167 -35.54 -11.60 -14.46
CA GLY D 167 -34.29 -10.89 -14.31
C GLY D 167 -33.87 -10.06 -15.49
N ILE D 168 -32.81 -9.28 -15.29
CA ILE D 168 -32.21 -8.43 -16.33
C ILE D 168 -30.84 -9.02 -16.64
N PHE D 169 -30.59 -9.32 -17.92
CA PHE D 169 -29.31 -9.92 -18.39
C PHE D 169 -28.13 -8.93 -18.15
N ARG D 170 -27.11 -9.36 -17.41
CA ARG D 170 -25.95 -8.53 -17.02
C ARG D 170 -24.64 -8.98 -17.69
N ALA D 171 -24.26 -10.24 -17.49
CA ALA D 171 -23.00 -10.78 -18.03
C ALA D 171 -23.11 -12.22 -18.49
N ALA D 172 -22.17 -12.66 -19.34
CA ALA D 172 -22.13 -14.04 -19.85
C ALA D 172 -20.92 -14.76 -19.30
N VAL D 173 -21.11 -16.04 -18.89
CA VAL D 173 -20.05 -16.92 -18.40
C VAL D 173 -19.40 -17.53 -19.69
N CYS D 174 -18.22 -17.02 -20.07
CA CYS D 174 -17.55 -17.39 -21.32
C CYS D 174 -16.28 -18.18 -21.15
N THR D 175 -16.13 -19.19 -22.03
CA THR D 175 -14.94 -20.03 -22.19
C THR D 175 -14.79 -20.29 -23.67
N ARG D 176 -13.60 -19.97 -24.22
CA ARG D 176 -13.20 -20.19 -25.61
C ARG D 176 -14.19 -19.64 -26.66
N GLY D 177 -14.45 -18.34 -26.55
CA GLY D 177 -15.30 -17.54 -27.40
C GLY D 177 -16.75 -17.97 -27.41
N VAL D 178 -17.11 -18.82 -26.41
CA VAL D 178 -18.41 -19.43 -26.23
C VAL D 178 -19.02 -19.16 -24.83
N ALA D 179 -20.28 -18.69 -24.80
CA ALA D 179 -21.05 -18.46 -23.59
C ALA D 179 -21.74 -19.76 -23.18
N LYS D 180 -21.53 -20.20 -21.95
CA LYS D 180 -22.13 -21.47 -21.45
C LYS D 180 -23.20 -21.21 -20.43
N ALA D 181 -23.17 -20.01 -19.79
CA ALA D 181 -24.13 -19.59 -18.75
C ALA D 181 -24.29 -18.08 -18.75
N VAL D 182 -25.29 -17.58 -17.99
CA VAL D 182 -25.60 -16.16 -17.88
C VAL D 182 -25.71 -15.72 -16.45
N ASP D 183 -25.31 -14.50 -16.22
CA ASP D 183 -25.39 -13.82 -14.95
C ASP D 183 -26.47 -12.72 -15.12
N PHE D 184 -27.37 -12.68 -14.15
CA PHE D 184 -28.48 -11.73 -14.27
C PHE D 184 -28.89 -11.12 -12.95
N ILE D 185 -29.51 -9.93 -13.02
CA ILE D 185 -30.02 -9.25 -11.83
C ILE D 185 -31.46 -9.73 -11.63
N PRO D 186 -31.80 -10.45 -10.54
CA PRO D 186 -33.19 -10.92 -10.38
C PRO D 186 -34.21 -9.80 -10.21
N VAL D 187 -35.47 -10.02 -10.64
CA VAL D 187 -36.53 -8.99 -10.51
C VAL D 187 -36.76 -8.50 -9.10
N GLU D 188 -36.61 -9.37 -8.09
CA GLU D 188 -36.80 -9.01 -6.69
C GLU D 188 -35.73 -7.99 -6.22
N SER D 189 -34.65 -7.87 -6.99
CA SER D 189 -33.51 -7.00 -6.70
C SER D 189 -33.63 -5.70 -7.44
N LEU D 190 -34.74 -5.47 -8.16
CA LEU D 190 -34.83 -4.24 -8.95
C LEU D 190 -35.29 -3.00 -8.14
N GLU D 191 -36.49 -3.05 -7.54
CA GLU D 191 -37.07 -1.91 -6.79
C GLU D 191 -36.47 -1.71 -5.41
N THR D 192 -35.80 -2.74 -4.90
CA THR D 192 -35.14 -2.71 -3.61
C THR D 192 -33.76 -2.01 -3.73
N THR D 193 -33.37 -1.61 -4.96
CA THR D 193 -32.08 -0.96 -5.25
C THR D 193 -31.93 0.42 -4.63
N MET D 194 -30.84 0.62 -3.86
CA MET D 194 -30.42 1.90 -3.28
C MET D 194 -29.46 2.56 -4.27
N ARG D 195 -29.28 3.90 -4.19
CA ARG D 195 -28.33 4.65 -5.04
C ARG D 195 -26.89 4.34 -4.64
N SER D 196 -25.92 4.30 -5.61
CA SER D 196 -24.49 4.00 -5.34
C SER D 196 -23.59 5.22 -5.02
ZN ZN E . 7.29 -14.71 -4.39
C13 GXO F . -14.24 -9.21 -17.51
C17 GXO F . -14.76 -7.34 -18.91
C15 GXO F . -14.35 -8.64 -18.79
C20 GXO F . -14.99 -7.10 -16.67
C22 GXO F . -15.64 -4.97 -15.66
C24 GXO F . -14.36 -4.16 -15.62
C11 GXO F . -13.84 -10.56 -17.31
C34 GXO F . -10.53 -1.18 -13.06
C27 GXO F . -13.90 -4.33 -14.17
C33 GXO F . -11.03 -2.52 -12.50
F1 GXO F . -14.08 -10.87 -13.74
C2 GXO F . -14.11 -10.30 -14.97
C3 GXO F . -14.46 -9.02 -15.07
C5 GXO F . -13.79 -11.10 -16.05
O6 GXO F . -13.51 -12.40 -15.76
C7 GXO F . -13.26 -13.32 -16.83
C14 GXO F . -14.56 -8.42 -16.37
N19 GXO F . -15.09 -6.56 -17.88
O21 GXO F . -15.35 -6.41 -15.56
C29 GXO F . -13.13 -3.12 -13.66
O30 GXO F . -13.71 -2.06 -13.40
N31 GXO F . -11.83 -3.34 -13.40
N35 GXO F . -10.84 -0.84 -14.35
S37 GXO F . -10.37 0.55 -15.02
O38 GXO F . -8.94 0.52 -15.07
C39 GXO F . -10.97 0.61 -16.72
C40 GXO F . -12.48 0.48 -16.86
C44 GXO F . -10.10 0.17 -17.88
C47 GXO F . -10.33 1.63 -17.63
O50 GXO F . -11.03 1.60 -14.29
O51 GXO F . -9.86 -0.43 -12.37
C52 GXO F . -11.44 -2.57 -11.02
C54 GXO F . -10.14 -3.16 -11.47
C57 GXO F . -11.42 -1.31 -10.21
C59 GXO F . -12.43 -0.76 -9.56
C61 GXO F . -13.83 -1.29 -9.48
C64 GXO F . -14.79 -0.42 -10.32
C67 GXO F . -16.29 -0.78 -10.32
C69 GXO F . -17.10 0.38 -10.89
C73 GXO F . -16.60 -2.04 -11.14
C76 GXO F . -16.71 -3.37 -10.40
C78 GXO F . -18.04 -3.47 -9.61
C81 GXO F . -19.31 -3.51 -10.46
C85 GXO F . -16.52 -4.57 -11.35
C87 GXO F . -15.18 -4.49 -12.09
O88 GXO F . -14.13 -4.46 -11.45
N89 GXO F . -15.18 -4.48 -13.44
C90 GXO F . -16.32 -4.56 -14.36
N93 GXO F . -16.51 -5.82 -10.62
C95 GXO F . -17.00 -6.95 -11.17
O96 GXO F . -17.47 -7.02 -12.29
O97 GXO F . -16.87 -7.96 -10.30
C98 GXO F . -17.16 -9.35 -10.68
C99 GXO F . -18.68 -9.49 -10.84
CA3 GXO F . -16.43 -9.89 -11.90
CA7 GXO F . -16.60 -10.12 -9.39
FA8 GXO F . -15.28 -9.99 -9.20
FA9 GXO F . -17.19 -9.63 -8.31
FB0 GXO F . -16.86 -11.43 -9.44
ZN ZN G . -6.94 18.32 7.59
C13 GXO H . 14.68 5.46 13.22
C17 GXO H . 15.10 3.73 14.83
C15 GXO H . 14.84 4.09 13.54
C20 GXO H . 15.08 5.89 15.54
C22 GXO H . 15.40 6.49 17.87
C24 GXO H . 14.05 6.26 18.52
C11 GXO H . 14.43 5.90 11.89
C34 GXO H . 9.65 7.77 21.40
C27 GXO H . 13.48 7.68 18.63
C33 GXO H . 10.28 8.70 20.36
F1 GXO H . 14.18 9.46 12.35
C2 GXO H . 14.43 8.15 12.63
C3 GXO H . 14.67 7.80 13.91
C5 GXO H . 14.33 7.24 11.61
O6 GXO H . 14.13 7.76 10.37
C7 GXO H . 13.94 6.86 9.27
C14 GXO H . 14.80 6.43 14.25
N19 GXO H . 15.23 4.61 15.84
O21 GXO H . 15.25 6.85 16.46
C29 GXO H . 12.53 7.82 19.81
O30 GXO H . 12.92 7.72 20.98
N31 GXO H . 11.26 8.10 19.47
N35 GXO H . 10.00 6.43 21.47
S37 GXO H . 9.37 5.43 22.58
O38 GXO H . 7.97 5.23 22.34
C39 GXO H . 10.19 3.81 22.42
C40 GXO H . 11.72 3.84 22.59
C44 GXO H . 9.54 2.73 21.57
C47 GXO H . 9.47 2.65 23.07
O50 GXO H . 9.78 5.99 23.84
O51 GXO H . 8.76 8.20 22.15
C52 GXO H . 10.59 10.15 20.73
C54 GXO H . 9.42 9.82 19.85
C57 GXO H . 10.35 10.63 22.13
C59 GXO H . 11.25 11.18 22.93
C61 GXO H . 12.70 11.47 22.62
C64 GXO H . 13.61 10.41 23.27
C67 GXO H . 15.14 10.58 23.13
C69 GXO H . 15.84 9.75 24.20
C73 GXO H . 15.67 10.17 21.76
C76 GXO H . 15.85 11.26 20.69
C78 GXO H . 17.08 12.17 20.93
C81 GXO H . 18.44 11.47 20.82
C85 GXO H . 15.85 10.64 19.29
C87 GXO H . 14.57 9.84 19.03
O88 GXO H . 13.48 10.39 19.05
N89 GXO H . 14.69 8.52 18.76
C90 GXO H . 15.91 7.74 18.58
N93 GXO H . 15.96 11.64 18.24
C95 GXO H . 16.57 11.36 17.08
O96 GXO H . 17.16 10.33 16.84
O97 GXO H . 16.45 12.40 16.23
C98 GXO H . 16.99 12.33 14.85
C99 GXO H . 18.52 12.43 14.91
CA3 GXO H . 16.55 11.19 13.94
CA7 GXO H . 16.37 13.67 14.29
FA8 GXO H . 15.03 13.64 14.28
FA9 GXO H . 16.74 14.72 15.00
FB0 GXO H . 16.79 13.87 13.03
ZN ZN I . 43.88 13.53 10.11
C13 GXO J . 20.08 8.56 18.26
C17 GXO J . 19.08 6.75 19.47
C15 GXO J . 19.61 8.00 19.47
C20 GXO J . 19.40 6.49 17.23
C22 GXO J . 18.89 4.37 16.11
C24 GXO J . 20.12 3.53 16.40
C11 GXO J . 20.62 9.87 18.19
C34 GXO J . 24.38 0.40 14.90
C27 GXO J . 20.91 3.67 15.08
C33 GXO J . 24.03 1.71 14.15
F1 GXO J . 21.33 10.18 14.68
C2 GXO J . 20.95 9.62 15.85
C3 GXO J . 20.47 8.36 15.85
C5 GXO J . 21.03 10.38 17.00
O6 GXO J . 21.50 11.66 16.82
C7 GXO J . 21.56 12.52 17.94
C14 GXO J . 20.01 7.79 17.07
N19 GXO J . 18.95 5.99 18.37
O21 GXO J . 19.24 5.81 16.06
C29 GXO J . 21.74 2.43 14.79
O30 GXO J . 21.20 1.37 14.48
N31 GXO J . 23.07 2.61 14.79
N35 GXO J . 23.74 0.09 16.07
S37 GXO J . 24.06 -1.26 16.90
O38 GXO J . 25.44 -1.29 17.30
C39 GXO J . 23.07 -1.27 18.42
C40 GXO J . 21.57 -1.28 18.19
C44 GXO J . 23.67 -0.72 19.69
C47 GXO J . 23.58 -2.21 19.48
O50 GXO J . 23.56 -2.30 16.05
O51 GXO J . 25.25 -0.34 14.46
C52 GXO J . 23.95 1.77 12.62
C54 GXO J . 25.14 2.32 13.35
C57 GXO J . 24.08 0.49 11.87
C59 GXO J . 23.14 -0.05 11.11
C61 GXO J . 21.78 0.50 10.80
C64 GXO J . 20.63 -0.31 11.44
C67 GXO J . 19.19 0.10 11.12
C69 GXO J . 18.21 -0.99 11.57
C73 GXO J . 18.73 1.45 11.71
C76 GXO J . 18.90 2.71 10.85
C78 GXO J . 17.85 2.84 9.73
C81 GXO J . 16.43 3.31 10.19
C85 GXO J . 18.98 3.96 11.75
C87 GXO J . 20.13 3.85 12.74
O88 GXO J . 21.28 3.80 12.34
N89 GXO J . 19.84 3.84 14.06
C90 GXO J . 18.52 3.97 14.69
N93 GXO J . 19.19 5.18 10.99
C95 GXO J . 18.83 6.38 11.49
O96 GXO J . 18.18 6.53 12.51
O97 GXO J . 19.27 7.35 10.68
C98 GXO J . 18.88 8.76 10.89
C99 GXO J . 17.36 8.94 10.65
CA3 GXO J . 19.31 9.47 12.18
CA7 GXO J . 19.68 9.42 9.69
FA8 GXO J . 21.01 9.32 9.86
FA9 GXO J . 19.41 8.89 8.51
FB0 GXO J . 19.35 10.71 9.61
ZN ZN K . -43.56 -16.79 -13.86
C13 GXO L . -20.56 -5.73 -13.75
C17 GXO L . -19.70 -3.96 -15.14
C15 GXO L . -20.29 -4.36 -13.98
C20 GXO L . -19.57 -6.09 -15.92
C22 GXO L . -18.71 -6.59 -18.14
C24 GXO L . -19.89 -6.25 -19.03
C11 GXO L . -21.19 -6.19 -12.56
C34 GXO L . -23.42 -7.45 -23.12
C27 GXO L . -20.49 -7.63 -19.36
C33 GXO L . -23.15 -8.38 -21.94
F1 GXO L . -21.29 -9.74 -13.10
C2 GXO L . -21.07 -8.43 -13.35
C3 GXO L . -20.49 -8.07 -14.51
C5 GXO L . -21.41 -7.52 -12.36
O6 GXO L . -21.94 -8.07 -11.22
C7 GXO L . -22.09 -7.21 -10.07
C14 GXO L . -20.20 -6.68 -14.75
N19 GXO L . -19.33 -4.81 -16.11
O21 GXO L . -19.16 -7.02 -16.83
C29 GXO L . -21.09 -7.66 -20.77
O30 GXO L . -20.37 -7.64 -21.75
N31 GXO L . -22.42 -7.80 -20.82
N35 GXO L . -23.00 -6.13 -23.04
S37 GXO L . -23.20 -5.08 -24.23
O38 GXO L . -24.60 -4.85 -24.42
C39 GXO L . -22.46 -3.53 -23.66
C40 GXO L . -20.98 -3.64 -23.41
C44 GXO L . -23.25 -2.48 -22.91
C47 GXO L . -22.94 -2.28 -24.37
O50 GXO L . -22.41 -5.53 -25.35
O51 GXO L . -24.05 -7.84 -24.10
C52 GXO L . -22.88 -9.86 -22.18
C54 GXO L . -24.20 -9.41 -21.65
C57 GXO L . -22.81 -10.36 -23.60
C59 GXO L . -21.80 -11.02 -24.14
C61 GXO L . -20.49 -11.41 -23.48
C64 GXO L . -19.39 -10.48 -24.05
C67 GXO L . -17.96 -10.64 -23.52
C69 GXO L . -16.97 -9.94 -24.44
C73 GXO L . -17.75 -10.21 -22.06
C76 GXO L . -17.91 -11.29 -20.98
C78 GXO L . -16.78 -12.34 -20.98
C81 GXO L . -15.40 -11.81 -20.57
C85 GXO L . -18.15 -10.68 -19.59
C87 GXO L . -19.43 -9.83 -19.57
O88 GXO L . -20.50 -10.34 -19.87
N89 GXO L . -19.33 -8.53 -19.24
C90 GXO L . -18.12 -7.81 -18.81
N93 GXO L . -18.31 -11.72 -18.59
C95 GXO L . -18.11 -11.48 -17.29
O96 GXO L . -17.69 -10.43 -16.83
O97 GXO L . -18.43 -12.57 -16.57
C98 GXO L . -18.29 -12.60 -15.10
C99 GXO L . -16.80 -12.82 -14.77
CA3 GXO L . -18.85 -11.45 -14.27
CA7 GXO L . -19.17 -13.90 -14.79
FA8 GXO L . -20.46 -13.75 -15.07
FA9 GXO L . -18.73 -14.98 -15.43
FB0 GXO L . -19.08 -14.17 -13.48
#